data_5ODM
#
_entry.id   5ODM
#
loop_
_entity.id
_entity.type
_entity.pdbx_description
1 polymer "DNA (5'-D(*CP*GP*AP*TP*GP*TP*AP*CP*AP*TP*CP*G)-3')"
2 non-polymer 5-propan-2-yl-1,3-thiazole-4-carbaldehyde
3 non-polymer '4-AMINO-(1-METHYLPYRROLE)-2-CARBOXYLIC ACID'
4 non-polymer 'GAMMA-AMINO-BUTANOIC ACID'
5 non-polymer '4-AMINO-(1-METHYLIMIDAZOLE)-2-CARBOXYLIC ACID'
6 non-polymer 3-(3-azaniumylpropanoylamino)propyl-dimethyl-azanium
#
_entity_poly.entity_id   1
_entity_poly.type   'polydeoxyribonucleotide'
_entity_poly.pdbx_seq_one_letter_code
;(DCZ)(DG)(DA)(DT)(DG)(DT)(DA)(DC)(DA)(DT)(DC)(DG)
;
_entity_poly.pdbx_strand_id   A,B
#
loop_
_chem_comp.id
_chem_comp.type
_chem_comp.name
_chem_comp.formula
9T8 non-polymer 3-(3-azaniumylpropanoylamino)propyl-dimethyl-azanium 'C8 H21 N3 O 2'
9U2 non-polymer 5-propan-2-yl-1,3-thiazole-4-carbaldehyde 'C7 H9 N O S'
ABU non-polymer 'GAMMA-AMINO-BUTANOIC ACID' 'C4 H9 N O2'
DA DNA linking 2'-DEOXYADENOSINE-5'-MONOPHOSPHATE 'C10 H14 N5 O6 P'
DC DNA linking 2'-DEOXYCYTIDINE-5'-MONOPHOSPHATE 'C9 H14 N3 O7 P'
DCZ DNA OH 5 prime terminus 2'-DEOXYCYTIDINE 'C9 H13 N3 O4'
DG DNA linking 2'-DEOXYGUANOSINE-5'-MONOPHOSPHATE 'C10 H14 N5 O7 P'
DT DNA linking THYMIDINE-5'-MONOPHOSPHATE 'C10 H15 N2 O8 P'
IMT non-polymer '4-AMINO-(1-METHYLIMIDAZOLE)-2-CARBOXYLIC ACID' 'C5 H7 N3 O2'
PYB non-polymer '4-AMINO-(1-METHYLPYRROLE)-2-CARBOXYLIC ACID' 'C6 H8 N2 O2'
#
# COMPACT_ATOMS: atom_id res chain seq x y z
N1 DCZ A 1 4.84 -1.99 -17.48
C2 DCZ A 1 4.23 -3.23 -17.32
N3 DCZ A 1 4.40 -3.96 -16.19
C4 DCZ A 1 5.16 -3.45 -15.25
C5 DCZ A 1 5.82 -2.19 -15.34
C6 DCZ A 1 5.63 -1.48 -16.48
O2 DCZ A 1 3.50 -3.71 -18.18
N4 DCZ A 1 5.31 -4.20 -14.19
C1' DCZ A 1 4.51 -1.18 -18.69
C2' DCZ A 1 3.54 -0.03 -18.35
C3' DCZ A 1 4.33 1.23 -18.66
C4' DCZ A 1 5.29 0.71 -19.74
O4' DCZ A 1 5.65 -0.58 -19.28
O3' DCZ A 1 3.50 2.27 -19.13
C5' DCZ A 1 6.53 1.58 -19.96
O5' DCZ A 1 7.38 1.65 -18.80
H5 DCZ A 1 6.44 -1.80 -14.55
H6 DCZ A 1 6.10 -0.51 -16.62
HN41 DCZ A 1 4.81 -5.07 -14.18
HN42 DCZ A 1 5.88 -3.89 -13.42
H1' DCZ A 1 4.02 -1.82 -19.44
H2'1 DCZ A 1 3.25 -0.05 -17.30
H2'2 DCZ A 1 2.66 -0.10 -18.99
H3' DCZ A 1 4.91 1.54 -17.79
H4' DCZ A 1 4.75 0.62 -20.67
H5'1 DCZ A 1 7.10 1.18 -20.80
H5'2 DCZ A 1 6.21 2.59 -20.23
HO51 DCZ A 1 7.71 0.76 -18.59
N1 DCZ B 1 -9.12 11.73 13.97
C2 DCZ B 1 -8.07 12.43 13.38
N3 DCZ B 1 -6.77 12.13 13.65
C4 DCZ B 1 -6.54 11.10 14.45
C5 DCZ B 1 -7.56 10.29 15.02
C6 DCZ B 1 -8.85 10.63 14.76
O2 DCZ B 1 -8.26 13.38 12.60
N4 DCZ B 1 -5.29 10.89 14.73
C1' DCZ B 1 -10.51 12.22 13.79
C2' DCZ B 1 -11.32 11.37 12.80
C3' DCZ B 1 -12.72 11.87 13.13
C4' DCZ B 1 -12.64 11.99 14.67
O4' DCZ B 1 -11.26 12.17 14.99
O3' DCZ B 1 -12.96 13.15 12.56
C5' DCZ B 1 -13.18 10.73 15.37
O5' DCZ B 1 -13.07 10.83 16.78
H5 DCZ B 1 -7.34 9.46 15.66
H6 DCZ B 1 -9.67 10.08 15.19
HN41 DCZ B 1 -4.62 11.54 14.35
HN42 DCZ B 1 -5.04 10.13 15.33
H1' DCZ B 1 -10.50 13.25 13.41
H2'1 DCZ B 1 -11.21 10.30 13.02
H2'2 DCZ B 1 -11.03 11.59 11.77
H3' DCZ B 1 -13.48 11.15 12.83
H4' DCZ B 1 -13.23 12.85 14.99
H5'1 DCZ B 1 -14.23 10.59 15.10
H5'2 DCZ B 1 -12.63 9.86 15.02
HO51 DCZ B 1 -12.15 11.06 17.02
O81 9U2 C . -1.94 -6.76 3.57
C81 9U2 C . -1.93 -6.03 2.59
C82 9U2 C . -2.83 -6.21 1.39
C84 9U2 C . -3.84 -7.17 1.25
C85 9U2 C . -4.29 -8.26 2.23
S81 9U2 C . -4.72 -6.97 -0.25
C83 9U2 C . -3.66 -5.65 -0.63
N81 9U2 C . -2.75 -5.37 0.28
CM8 9U2 C . -4.95 -7.72 3.51
CM9 9U2 C . -3.26 -9.38 2.49
H85 9U2 C . -5.12 -8.78 1.72
H83 9U2 C . -3.78 -5.12 -1.57
H882 9U2 C . -5.26 -8.55 4.16
H883 9U2 C . -5.86 -7.16 3.28
H881 9U2 C . -4.30 -7.08 4.10
H992 9U2 C . -3.66 -10.10 3.22
H993 9U2 C . -2.30 -9.01 2.88
H991 9U2 C . -3.06 -9.94 1.58
N PYB D . -1.08 -4.94 2.50
CA PYB D . -0.07 -4.59 3.40
CB1 PYB D . 0.71 -3.40 3.35
CB PYB D . 0.36 -5.35 4.45
CG1 PYB D . 1.65 -3.49 4.35
NG2 PYB D . 1.39 -4.66 5.06
CD PYB D . 2.03 -5.15 6.29
C PYB D . 2.83 -2.63 4.68
O PYB D . 3.68 -3.00 5.46
H PYB D . -1.23 -4.36 1.68
HB1 PYB D . 0.63 -2.62 2.59
HB PYB D . 0.03 -6.32 4.80
HD1 PYB D . 2.05 -4.35 7.05
HD2 PYB D . 1.46 -5.99 6.70
HD3 PYB D . 3.05 -5.48 6.09
N PYB E . 2.89 -1.38 4.09
CA PYB E . 3.97 -0.49 4.19
CB1 PYB E . 3.92 0.91 3.99
CB PYB E . 5.25 -0.84 4.54
CG1 PYB E . 5.18 1.41 4.27
NG2 PYB E . 6.01 0.33 4.57
CD PYB E . 7.45 0.32 4.90
C PYB E . 5.69 2.81 4.28
O PYB E . 6.87 3.11 4.44
H PYB E . 2.03 -1.08 3.65
HB1 PYB E . 3.06 1.47 3.71
HB PYB E . 5.68 -1.81 4.77
HD1 PYB E . 7.60 0.76 5.89
HD2 PYB E . 8.01 0.90 4.15
HD3 PYB E . 7.82 -0.71 4.88
N PYB F . 4.72 3.78 4.15
CA PYB F . 4.91 5.17 4.13
CB1 PYB F . 3.85 6.09 4.27
CB PYB F . 6.08 5.86 3.97
CG1 PYB F . 4.39 7.35 4.15
NG2 PYB F . 5.77 7.22 4.00
CD PYB F . 6.77 8.28 3.89
C PYB F . 3.68 8.65 4.08
O PYB F . 4.19 9.73 3.87
H PYB F . 3.77 3.43 4.17
HB1 PYB F . 2.81 5.83 4.41
HB PYB F . 7.10 5.50 3.85
HD1 PYB F . 6.74 8.91 4.78
HD2 PYB F . 6.54 8.90 3.01
HD3 PYB F . 7.76 7.86 3.78
N ABU G . 2.33 8.52 4.28
CD ABU G . 1.32 9.55 4.03
CB ABU G . 0.47 9.19 2.80
CG ABU G . 1.00 9.70 1.43
C ABU G . 2.46 9.37 1.07
O ABU G . 3.25 10.27 0.83
H ABU G . 2.04 7.61 4.63
HA1 ABU G . 0.67 9.61 4.90
HA2 ABU G . 1.79 10.54 3.90
HB1 ABU G . -0.52 9.65 2.94
HB2 ABU G . 0.30 8.11 2.76
HG1 ABU G . 0.89 10.79 1.39
HG2 ABU G . 0.35 9.28 0.67
N IMT H . 2.79 8.03 1.03
CA IMT H . 4.01 7.43 0.85
NB1 IMT H . 4.23 6.09 0.92
CB IMT H . 5.18 8.11 0.63
CG1 IMT H . 5.55 5.93 0.77
NG2 IMT H . 6.17 7.16 0.56
CD IMT H . 7.59 7.47 0.29
C IMT H . 6.37 4.67 0.85
O IMT H . 7.61 4.67 0.86
H IMT H . 2.01 7.41 1.15
HB IMT H . 5.38 9.17 0.52
HD1 IMT H . 7.96 6.83 -0.52
HD2 IMT H . 7.70 8.52 0.01
HD3 IMT H . 8.19 7.27 1.19
N PYB I . 5.66 3.47 0.93
CA PYB I . 6.17 2.18 1.07
CB1 PYB I . 5.40 1.00 1.03
CB PYB I . 7.48 1.86 1.29
CG1 PYB I . 6.26 -0.06 1.25
NG2 PYB I . 7.56 0.47 1.37
CD PYB I . 8.83 -0.25 1.46
C PYB I . 5.99 -1.51 1.46
O PYB I . 6.85 -2.29 1.85
H PYB I . 4.66 3.59 0.82
HB1 PYB I . 4.33 0.95 0.91
HB PYB I . 8.36 2.47 1.40
HD1 PYB I . 8.93 -0.70 2.46
HD2 PYB I . 8.86 -1.05 0.70
HD3 PYB I . 9.66 0.43 1.29
N PYB J . 4.70 -1.93 1.18
CA PYB J . 4.18 -3.19 1.48
CB1 PYB J . 3.04 -3.77 0.86
CB PYB J . 4.68 -4.08 2.39
CG1 PYB J . 2.88 -5.03 1.39
NG2 PYB J . 3.86 -5.20 2.38
CD PYB J . 4.05 -6.35 3.28
C PYB J . 1.89 -6.10 1.07
O PYB J . 1.79 -7.14 1.70
H PYB J . 4.13 -1.27 0.67
HB1 PYB J . 2.43 -3.30 0.10
HB PYB J . 5.53 -4.00 3.06
HD1 PYB J . 4.35 -7.23 2.69
HD2 PYB J . 4.84 -6.12 4.01
HD3 PYB J . 3.13 -6.55 3.82
N PYB K . 1.11 -5.85 -0.05
CA PYB K . 0.14 -6.69 -0.60
CB1 PYB K . -0.50 -6.46 -1.84
CB PYB K . -0.37 -7.84 -0.06
CG1 PYB K . -1.43 -7.45 -2.04
NG2 PYB K . -1.27 -8.36 -0.99
CD PYB K . -1.89 -9.69 -0.87
C PYB K . -2.49 -7.56 -3.06
O PYB K . -3.31 -8.46 -3.12
H PYB K . 1.36 -5.01 -0.56
HB1 PYB K . -0.29 -5.63 -2.51
HB PYB K . -0.13 -8.36 0.85
HD1 PYB K . -2.97 -9.60 -0.77
HD2 PYB K . -1.66 -10.28 -1.76
HD3 PYB K . -1.47 -10.21 0.00
C01 9T8 L . -11.07 -4.49 -6.78
N02 9T8 L . -5.68 -4.85 -6.78
C03 9T8 L . -8.75 -4.96 -7.53
C05 9T8 L . -6.26 -5.38 -8.02
C06 9T8 L . -5.83 -5.45 -5.55
C07 9T8 L . -4.64 -5.32 -4.61
C04 9T8 L . -7.56 -4.67 -8.46
N01 9T8 L . -9.96 -4.06 -7.73
C02 9T8 L . -10.48 -4.14 -9.18
N03 9T8 L . -2.53 -6.50 -3.93
C08 9T8 L . -3.53 -6.33 -4.99
O01 9T8 L . -6.81 -6.12 -5.29
H006 9T8 L . -11.36 -5.52 -7.02
H004 9T8 L . -11.93 -3.82 -6.89
H005 9T8 L . -10.70 -4.44 -5.76
HN02 9T8 L . -4.82 -4.28 -6.89
H031 9T8 L . -9.06 -6.00 -7.65
H032 9T8 L . -8.41 -4.83 -6.50
H052 9T8 L . -5.51 -5.28 -8.82
H051 9T8 L . -6.45 -6.46 -7.90
H072 9T8 L . -5.00 -5.52 -3.59
H071 9T8 L . -4.26 -4.30 -4.63
H042 9T8 L . -7.39 -3.60 -8.54
H041 9T8 L . -7.81 -5.02 -9.48
HN01 9T8 L . -9.71 -3.04 -7.53
H001 9T8 L . -11.36 -3.49 -9.28
H002 9T8 L . -10.75 -5.17 -9.41
H003 9T8 L . -9.70 -3.80 -9.86
H1 9T8 L . -1.75 -5.85 -3.88
H081 9T8 L . -3.04 -6.00 -5.91
H082 9T8 L . -4.00 -7.30 -5.20
N1 DCZ A 1 4.45 -2.63 -17.31
C2 DCZ A 1 3.48 -3.65 -17.34
N3 DCZ A 1 3.29 -4.47 -16.28
C4 DCZ A 1 4.03 -4.28 -15.20
C5 DCZ A 1 5.05 -3.29 -15.11
C6 DCZ A 1 5.23 -2.48 -16.19
O2 DCZ A 1 2.76 -3.83 -18.31
N4 DCZ A 1 3.77 -5.06 -14.19
C1' DCZ A 1 4.47 -1.65 -18.41
C2' DCZ A 1 3.48 -0.51 -18.12
C3' DCZ A 1 4.37 0.70 -17.85
C4' DCZ A 1 5.59 0.35 -18.71
O4' DCZ A 1 5.76 -1.05 -18.59
O3' DCZ A 1 3.74 1.89 -18.29
C5' DCZ A 1 6.88 1.11 -18.31
O5' DCZ A 1 7.31 0.87 -16.98
H5 DCZ A 1 5.65 -3.16 -14.23
H6 DCZ A 1 5.98 -1.70 -16.17
HN41 DCZ A 1 2.93 -5.61 -14.26
HN42 DCZ A 1 4.25 -4.93 -13.32
H1' DCZ A 1 4.17 -2.13 -19.35
H2'1 DCZ A 1 2.87 -0.71 -17.24
H2'2 DCZ A 1 2.85 -0.34 -18.98
H3' DCZ A 1 4.66 0.73 -16.80
H4' DCZ A 1 5.36 0.59 -19.75
H5'1 DCZ A 1 7.67 0.83 -19.02
H5'2 DCZ A 1 6.70 2.18 -18.45
HO51 DCZ A 1 6.82 1.44 -16.35
N1 DCZ B 1 -9.11 10.26 14.05
C2 DCZ B 1 -8.20 11.24 13.63
N3 DCZ B 1 -6.91 11.18 14.01
C4 DCZ B 1 -6.52 10.17 14.77
C5 DCZ B 1 -7.38 9.12 15.18
C6 DCZ B 1 -8.68 9.19 14.80
O2 DCZ B 1 -8.52 12.18 12.92
N4 DCZ B 1 -5.27 10.19 15.14
C1' DCZ B 1 -10.56 10.41 13.70
C2' DCZ B 1 -10.86 9.87 12.30
C3' DCZ B 1 -12.37 9.62 12.42
C4' DCZ B 1 -12.48 9.09 13.84
O4' DCZ B 1 -11.43 9.72 14.58
O3' DCZ B 1 -13.09 10.85 12.28
C5' DCZ B 1 -12.37 7.54 13.91
O5' DCZ B 1 -11.17 6.99 13.36
H5 DCZ B 1 -7.05 8.29 15.79
H6 DCZ B 1 -9.39 8.42 15.08
HN41 DCZ B 1 -4.68 10.94 14.81
HN42 DCZ B 1 -4.92 9.43 15.72
H1' DCZ B 1 -10.83 11.48 13.70
H2'1 DCZ B 1 -10.33 8.94 12.13
H2'2 DCZ B 1 -10.61 10.58 11.53
H3' DCZ B 1 -12.72 8.88 11.70
H4' DCZ B 1 -13.45 9.38 14.27
H5'1 DCZ B 1 -12.45 7.24 14.94
H5'2 DCZ B 1 -13.24 7.13 13.37
HO51 DCZ B 1 -11.10 6.04 13.57
O81 9U2 C . -1.92 -7.10 3.43
C81 9U2 C . -1.96 -6.29 2.51
C82 9U2 C . -2.93 -6.37 1.37
C84 9U2 C . -3.98 -7.29 1.26
C85 9U2 C . -4.44 -8.36 2.23
S81 9U2 C . -4.94 -6.99 -0.19
C83 9U2 C . -3.85 -5.68 -0.56
N81 9U2 C . -2.87 -5.47 0.30
CM8 9U2 C . -4.98 -7.82 3.57
CM9 9U2 C . -3.46 -9.56 2.42
H85 9U2 C . -5.32 -8.82 1.77
H83 9U2 C . -4.00 -5.11 -1.47
H882 9U2 C . -5.84 -7.17 3.40
H883 9U2 C . -4.24 -7.28 4.15
H881 9U2 C . -5.34 -8.65 4.20
H992 9U2 C . -3.68 -10.11 3.33
H993 9U2 C . -2.41 -9.26 2.45
H991 9U2 C . -3.57 -10.27 1.60
N PYB D . -1.10 -5.20 2.47
CA PYB D . -0.08 -4.90 3.37
CB1 PYB D . 0.74 -3.75 3.32
CB PYB D . 0.33 -5.70 4.40
CG1 PYB D . 1.69 -3.88 4.32
NG2 PYB D . 1.40 -5.07 5.01
CD PYB D . 2.06 -5.61 6.21
C PYB D . 2.89 -3.07 4.64
O PYB D . 3.75 -3.48 5.40
H PYB D . -1.27 -4.57 1.69
HB1 PYB D . 0.67 -2.96 2.59
HB PYB D . -0.03 -6.66 4.75
HD1 PYB D . 2.17 -4.82 6.96
HD2 PYB D . 1.45 -6.42 6.64
HD3 PYB D . 3.05 -6.00 5.93
N PYB E . 2.99 -1.83 4.04
CA PYB E . 4.08 -0.98 4.14
CB1 PYB E . 4.07 0.43 3.92
CB PYB E . 5.34 -1.35 4.51
CG1 PYB E . 5.33 0.90 4.21
NG2 PYB E . 6.13 -0.20 4.54
CD PYB E . 7.56 -0.24 4.86
C PYB E . 5.87 2.29 4.22
O PYB E . 7.06 2.55 4.40
H PYB E . 2.13 -1.50 3.61
HB1 PYB E . 3.22 1.01 3.63
HB PYB E . 5.76 -2.32 4.76
HD1 PYB E . 7.73 0.27 5.83
HD2 PYB E . 8.13 0.27 4.08
HD3 PYB E . 7.91 -1.28 4.94
N PYB F . 4.93 3.29 4.07
CA PYB F . 5.16 4.66 4.03
CB1 PYB F . 4.15 5.63 4.14
CB PYB F . 6.36 5.30 3.87
CG1 PYB F . 4.73 6.86 4.02
NG2 PYB F . 6.10 6.66 3.89
CD PYB F . 7.16 7.68 3.77
C PYB F . 4.09 8.20 3.92
O PYB F . 4.65 9.25 3.72
H PYB F . 3.97 2.97 4.08
HB1 PYB F . 3.09 5.42 4.26
HB PYB F . 7.36 4.90 3.77
HD1 PYB F . 8.13 7.21 3.76
HD2 PYB F . 7.11 8.37 4.62
HD3 PYB F . 7.02 8.25 2.84
N ABU G . 2.72 8.12 4.06
CD ABU G . 1.78 9.21 3.78
CB ABU G . 0.93 8.88 2.54
CG ABU G . 1.51 9.37 1.19
C ABU G . 2.96 8.97 0.86
O ABU G . 3.81 9.82 0.67
H ABU G . 2.37 7.24 4.41
HA1 ABU G . 1.10 9.31 4.64
HA2 ABU G . 2.29 10.17 3.66
HB1 ABU G . -0.04 9.37 2.65
HB2 ABU G . 0.71 7.81 2.50
HG1 ABU G . 1.46 10.45 1.14
HG2 ABU G . 0.86 8.99 0.40
N IMT H . 3.23 7.62 0.81
CA IMT H . 4.44 6.97 0.67
NB1 IMT H . 4.60 5.62 0.78
CB IMT H . 5.64 7.59 0.46
CG1 IMT H . 5.91 5.41 0.66
NG2 IMT H . 6.59 6.61 0.44
CD IMT H . 8.03 6.85 0.21
C IMT H . 6.70 4.13 0.78
O IMT H . 7.91 4.06 0.79
H IMT H . 2.43 7.02 0.91
HB IMT H . 5.87 8.64 0.34
HD1 IMT H . 8.20 7.90 -0.04
HD2 IMT H . 8.59 6.60 1.12
HD3 IMT H . 8.38 6.22 -0.62
N PYB I . 5.92 2.98 0.86
CA PYB I . 6.36 1.67 1.03
CB1 PYB I . 5.54 0.52 0.95
CB PYB I . 7.64 1.28 1.30
CG1 PYB I . 6.33 -0.57 1.19
NG2 PYB I . 7.64 -0.11 1.34
CD PYB I . 8.88 -0.90 1.45
C PYB I . 6.00 -2.02 1.35
O PYB I . 6.82 -2.84 1.75
H PYB I . 4.92 3.14 0.74
HB1 PYB I . 4.46 0.52 0.79
HB PYB I . 8.54 1.86 1.45
HD1 PYB I . 8.93 -1.62 0.62
HD2 PYB I . 9.76 -0.23 1.37
HD3 PYB I . 8.91 -1.43 2.40
N PYB J . 4.69 -2.38 1.04
CA PYB J . 4.12 -3.61 1.32
CB1 PYB J . 2.97 -4.15 0.70
CB PYB J . 4.58 -4.52 2.23
CG1 PYB J . 2.76 -5.41 1.21
NG2 PYB J . 3.74 -5.63 2.19
CD PYB J . 3.96 -6.82 3.04
C PYB J . 1.74 -6.45 0.88
O PYB J . 1.64 -7.50 1.51
H PYB J . 4.17 -1.70 0.51
HB1 PYB J . 2.38 -3.66 -0.07
HB PYB J . 5.43 -4.47 2.91
HD1 PYB J . 4.24 -7.67 2.40
HD2 PYB J . 4.76 -6.61 3.76
HD3 PYB J . 3.03 -7.04 3.59
N PYB K . 0.93 -6.17 -0.21
CA PYB K . -0.09 -6.96 -0.71
CB1 PYB K . -0.78 -6.71 -1.92
CB PYB K . -0.61 -8.11 -0.15
CG1 PYB K . -1.76 -7.67 -2.06
NG2 PYB K . -1.59 -8.57 -1.01
CD PYB K . -2.29 -9.86 -0.81
C PYB K . -2.88 -7.75 -3.03
O PYB K . -3.74 -8.62 -3.04
H PYB K . 1.18 -5.32 -0.72
HB1 PYB K . -0.59 -5.88 -2.59
HB PYB K . -0.33 -8.64 0.75
HD1 PYB K . -3.37 -9.70 -0.76
HD2 PYB K . -2.04 -10.54 -1.63
HD3 PYB K . -1.95 -10.31 0.13
C01 9T8 L . -11.56 -4.58 -6.18
N02 9T8 L . -6.18 -5.00 -6.71
C03 9T8 L . -9.34 -5.04 -7.20
C05 9T8 L . -6.91 -5.46 -7.90
C06 9T8 L . -6.26 -5.62 -5.48
C07 9T8 L . -5.04 -5.50 -4.58
C04 9T8 L . -8.22 -4.67 -8.18
N01 9T8 L . -10.57 -4.13 -7.25
C02 9T8 L . -11.26 -4.18 -8.62
N03 9T8 L . -2.93 -6.70 -3.91
C08 9T8 L . -3.97 -6.54 -4.94
O01 9T8 L . -7.21 -6.32 -5.18
H006 9T8 L . -11.05 -4.61 -5.20
H004 9T8 L . -11.91 -5.59 -6.42
H005 9T8 L . -12.40 -3.89 -6.13
HN02 9T8 L . -5.33 -4.46 -6.85
H031 9T8 L . -9.67 -6.07 -7.38
H032 9T8 L . -8.95 -5.00 -6.18
H052 9T8 L . -6.24 -5.34 -8.76
H051 9T8 L . -7.13 -6.53 -7.80
H072 9T8 L . -5.37 -5.64 -3.54
H071 9T8 L . -4.63 -4.48 -4.65
H042 9T8 L . -8.03 -3.60 -8.16
H041 9T8 L . -8.55 -4.91 -9.21
HN01 9T8 L . -10.29 -3.12 -7.06
H001 9T8 L . -10.57 -3.86 -9.40
H002 9T8 L . -12.13 -3.52 -8.60
H003 9T8 L . -11.59 -5.20 -8.82
H1 9T8 L . -2.12 -6.09 -3.93
H081 9T8 L . -3.49 -6.26 -5.89
H082 9T8 L . -4.47 -7.51 -5.10
N1 DCZ A 1 4.55 -2.79 -17.31
C2 DCZ A 1 3.68 -3.88 -17.38
N3 DCZ A 1 3.67 -4.83 -16.41
C4 DCZ A 1 4.47 -4.67 -15.38
C5 DCZ A 1 5.38 -3.58 -15.24
C6 DCZ A 1 5.39 -2.65 -16.23
O2 DCZ A 1 2.89 -4.03 -18.30
N4 DCZ A 1 4.40 -5.61 -14.49
C1' DCZ A 1 4.44 -1.73 -18.36
C2' DCZ A 1 3.57 -0.57 -17.85
C3' DCZ A 1 4.48 0.66 -17.93
C4' DCZ A 1 5.51 0.21 -18.95
O4' DCZ A 1 5.69 -1.18 -18.71
O3' DCZ A 1 3.76 1.82 -18.36
C5' DCZ A 1 6.86 0.95 -18.89
O5' DCZ A 1 7.56 0.79 -17.65
H5 DCZ A 1 6.04 -3.48 -14.39
H6 DCZ A 1 6.06 -1.79 -16.18
HN41 DCZ A 1 3.72 -6.35 -14.66
HN42 DCZ A 1 4.96 -5.57 -13.66
H1' DCZ A 1 3.97 -2.14 -19.26
H2'1 DCZ A 1 3.25 -0.72 -16.82
H2'2 DCZ A 1 2.70 -0.46 -18.51
H3' DCZ A 1 4.95 0.82 -16.96
H4' DCZ A 1 5.09 0.34 -19.95
H5'1 DCZ A 1 7.49 0.57 -19.70
H5'2 DCZ A 1 6.68 2.01 -19.08
HO51 DCZ A 1 7.12 1.31 -16.95
N1 DCZ B 1 -8.48 10.44 14.10
C2 DCZ B 1 -7.48 11.23 13.51
N3 DCZ B 1 -6.17 11.01 13.73
C4 DCZ B 1 -5.84 9.97 14.47
C5 DCZ B 1 -6.79 9.08 15.04
C6 DCZ B 1 -8.10 9.34 14.84
O2 DCZ B 1 -7.77 12.18 12.77
N4 DCZ B 1 -4.57 9.83 14.71
C1' DCZ B 1 -9.90 10.87 13.99
C2' DCZ B 1 -10.63 10.25 12.81
C3' DCZ B 1 -12.07 10.61 13.18
C4' DCZ B 1 -12.04 10.43 14.71
O4' DCZ B 1 -10.68 10.48 15.11
O3' DCZ B 1 -12.35 11.97 12.86
C5' DCZ B 1 -12.72 9.14 15.20
O5' DCZ B 1 -12.15 7.95 14.65
H5 DCZ B 1 -6.50 8.23 15.64
H6 DCZ B 1 -8.87 8.72 15.27
HN41 DCZ B 1 -3.95 10.53 14.33
HN42 DCZ B 1 -4.24 9.06 15.26
H1' DCZ B 1 -9.94 11.96 13.88
H2'1 DCZ B 1 -10.49 9.17 12.79
H2'2 DCZ B 1 -10.33 10.71 11.87
H3' DCZ B 1 -12.78 9.93 12.71
H4' DCZ B 1 -12.58 11.28 15.15
H5'1 DCZ B 1 -12.66 9.10 16.29
H5'2 DCZ B 1 -13.77 9.18 14.93
HO51 DCZ B 1 -11.23 7.85 14.99
O81 9U2 C . -1.74 -6.90 3.38
C81 9U2 C . -1.78 -6.12 2.44
C82 9U2 C . -2.72 -6.23 1.27
C84 9U2 C . -3.72 -7.19 1.11
C85 9U2 C . -4.18 -8.28 2.08
S81 9U2 C . -4.62 -6.95 -0.37
C83 9U2 C . -3.60 -5.57 -0.70
N81 9U2 C . -2.67 -5.33 0.21
CM8 9U2 C . -4.80 -7.73 3.39
CM9 9U2 C . -3.20 -9.45 2.31
H85 9U2 C . -5.04 -8.77 1.58
H83 9U2 C . -3.75 -4.99 -1.59
H882 9U2 C . -4.12 -7.06 3.93
H883 9U2 C . -5.06 -8.55 4.06
H881 9U2 C . -5.71 -7.17 3.18
H992 9U2 C . -2.96 -9.96 1.37
H993 9U2 C . -3.65 -10.21 2.95
H991 9U2 C . -2.26 -9.15 2.77
N PYB D . -0.94 -5.00 2.41
CA PYB D . 0.07 -4.67 3.30
CB1 PYB D . 0.87 -3.50 3.27
CB PYB D . 0.50 -5.45 4.35
CG1 PYB D . 1.81 -3.59 4.26
NG2 PYB D . 1.54 -4.78 4.97
CD PYB D . 2.17 -5.28 6.20
C PYB D . 2.99 -2.77 4.58
O PYB D . 3.86 -3.15 5.37
H PYB D . -1.11 -4.38 1.62
HB1 PYB D . 0.79 -2.72 2.51
HB PYB D . 0.15 -6.41 4.70
HD1 PYB D . 3.22 -5.54 6.00
HD2 PYB D . 2.12 -4.51 6.98
HD3 PYB D . 1.65 -6.18 6.56
N PYB E . 3.09 -1.52 3.97
CA PYB E . 4.20 -0.66 4.07
CB1 PYB E . 4.19 0.74 3.83
CB PYB E . 5.47 -1.03 4.43
CG1 PYB E . 5.45 1.21 4.10
NG2 PYB E . 6.25 0.11 4.43
CD PYB E . 7.68 0.10 4.75
C PYB E . 5.99 2.60 4.06
O PYB E . 7.19 2.87 4.21
H PYB E . 2.24 -1.21 3.54
HB1 PYB E . 3.32 1.31 3.53
HB PYB E . 5.87 -2.00 4.68
HD1 PYB E . 7.85 0.55 5.73
HD2 PYB E . 8.25 0.63 3.99
HD3 PYB E . 8.04 -0.95 4.77
N PYB F . 5.05 3.60 3.89
CA PYB F . 5.30 4.98 3.83
CB1 PYB F . 4.29 5.95 3.96
CB PYB F . 6.50 5.62 3.66
CG1 PYB F . 4.87 7.18 3.82
NG2 PYB F . 6.24 6.99 3.66
CD PYB F . 7.28 8.02 3.52
C PYB F . 4.21 8.51 3.74
O PYB F . 4.78 9.57 3.49
H PYB F . 4.09 3.29 3.92
HB1 PYB F . 3.24 5.73 4.13
HB PYB F . 7.50 5.22 3.53
HD1 PYB F . 7.29 8.65 4.41
HD2 PYB F . 7.07 8.64 2.64
HD3 PYB F . 8.26 7.55 3.39
N ABU G . 2.87 8.44 3.94
CD ABU G . 1.90 9.50 3.62
CB ABU G . 1.03 9.10 2.42
CG ABU G . 1.57 9.50 1.03
C ABU G . 3.01 9.10 0.69
O ABU G . 3.85 9.95 0.44
H ABU G . 2.52 7.57 4.30
HA1 ABU G . 1.26 9.64 4.49
HA2 ABU G . 2.41 10.46 3.42
HB1 ABU G . 0.06 9.60 2.53
HB2 ABU G . 0.82 8.03 2.46
HG1 ABU G . 1.49 10.58 0.90
HG2 ABU G . 0.90 9.04 0.30
N IMT H . 3.28 7.75 0.68
CA IMT H . 4.49 7.11 0.53
NB1 IMT H . 4.67 5.74 0.63
CB IMT H . 5.69 7.73 0.30
CG1 IMT H . 5.98 5.55 0.48
NG2 IMT H . 6.65 6.75 0.27
CD IMT H . 8.08 7.00 0.04
C IMT H . 6.76 4.26 0.58
O IMT H . 7.99 4.20 0.54
H IMT H . 2.48 7.15 0.81
HB IMT H . 5.92 8.79 0.19
HD1 IMT H . 8.67 6.67 0.90
HD2 IMT H . 8.42 6.46 -0.85
HD3 IMT H . 8.25 8.07 -0.12
N PYB I . 6.00 3.09 0.71
CA PYB I . 6.47 1.79 0.91
CB1 PYB I . 5.66 0.64 0.92
CB PYB I . 7.76 1.43 1.16
CG1 PYB I . 6.48 -0.44 1.18
NG2 PYB I . 7.79 0.04 1.28
CD PYB I . 9.03 -0.74 1.39
C PYB I . 6.14 -1.87 1.43
O PYB I . 6.96 -2.68 1.85
H PYB I . 5.00 3.25 0.62
HB1 PYB I . 4.58 0.63 0.81
HB PYB I . 8.67 2.01 1.24
HD1 PYB I . 9.09 -1.46 0.56
HD2 PYB I . 9.90 -0.07 1.34
HD3 PYB I . 9.05 -1.29 2.33
N PYB J . 4.84 -2.25 1.15
CA PYB J . 4.26 -3.48 1.44
CB1 PYB J . 3.12 -4.02 0.81
CB PYB J . 4.71 -4.39 2.35
CG1 PYB J . 2.91 -5.27 1.32
NG2 PYB J . 3.86 -5.50 2.31
CD PYB J . 4.02 -6.67 3.19
C PYB J . 1.89 -6.31 0.95
O PYB J . 1.76 -7.37 1.55
H PYB J . 4.31 -1.57 0.60
HB1 PYB J . 2.55 -3.53 0.03
HB PYB J . 5.55 -4.35 3.04
HD1 PYB J . 3.07 -6.87 3.69
HD2 PYB J . 4.31 -7.53 2.59
HD3 PYB J . 4.78 -6.46 3.94
N PYB K . 1.13 -6.00 -0.16
CA PYB K . 0.13 -6.79 -0.74
CB1 PYB K . -0.53 -6.45 -1.95
CB PYB K . -0.39 -7.96 -0.26
CG1 PYB K . -1.48 -7.42 -2.18
NG2 PYB K . -1.34 -8.40 -1.19
CD PYB K . -2.01 -9.70 -1.13
C PYB K . -2.57 -7.46 -3.20
O PYB K . -3.40 -8.34 -3.29
H PYB K . 1.37 -5.13 -0.62
HB1 PYB K . -0.33 -5.59 -2.55
HB PYB K . -0.15 -8.54 0.62
HD1 PYB K . -3.06 -9.56 -0.87
HD2 PYB K . -1.94 -10.18 -2.10
HD3 PYB K . -1.52 -10.33 -0.38
C01 9T8 L . -11.20 -4.32 -5.92
N02 9T8 L . -5.91 -4.71 -6.70
C03 9T8 L . -9.06 -4.92 -7.04
C05 9T8 L . -6.65 -5.32 -7.82
C06 9T8 L . -5.96 -5.22 -5.42
C07 9T8 L . -4.68 -5.06 -4.60
C04 9T8 L . -8.00 -4.65 -8.13
N01 9T8 L . -10.30 -4.03 -7.12
C02 9T8 L . -11.09 -4.30 -8.39
N03 9T8 L . -2.60 -6.35 -4.01
C08 9T8 L . -3.64 -6.11 -5.03
O01 9T8 L . -6.91 -5.86 -5.01
H006 9T8 L . -12.06 -3.64 -5.94
H004 9T8 L . -10.64 -4.15 -4.99
H005 9T8 L . -11.54 -5.35 -5.95
HN02 9T8 L . -5.05 -4.21 -6.93
H031 9T8 L . -9.38 -5.97 -7.09
H032 9T8 L . -8.61 -4.76 -6.06
H052 9T8 L . -6.01 -5.25 -8.71
H051 9T8 L . -6.81 -6.39 -7.63
H072 9T8 L . -4.95 -5.19 -3.54
H071 9T8 L . -4.29 -4.05 -4.72
H042 9T8 L . -7.86 -3.56 -8.25
H041 9T8 L . -8.38 -5.02 -9.09
HN01 9T8 L . -10.00 -3.01 -7.09
H001 9T8 L . -11.98 -3.65 -8.41
H002 9T8 L . -11.40 -5.34 -8.44
H003 9T8 L . -10.47 -4.07 -9.27
H1 9T8 L . -1.81 -5.73 -3.94
H081 9T8 L . -3.16 -5.78 -5.96
H082 9T8 L . -4.16 -7.05 -5.23
N1 DCZ A 1 4.14 -2.63 -17.00
C2 DCZ A 1 3.38 -3.76 -17.26
N3 DCZ A 1 3.40 -4.82 -16.41
C4 DCZ A 1 4.13 -4.74 -15.33
C5 DCZ A 1 4.93 -3.61 -14.99
C6 DCZ A 1 4.90 -2.56 -15.86
O2 DCZ A 1 2.65 -3.86 -18.24
N4 DCZ A 1 4.09 -5.80 -14.56
C1' DCZ A 1 4.08 -1.50 -17.97
C2' DCZ A 1 3.23 -0.33 -17.45
C3' DCZ A 1 4.08 0.91 -17.62
C4' DCZ A 1 5.24 0.41 -18.50
O4' DCZ A 1 5.38 -0.98 -18.20
O3' DCZ A 1 3.38 1.97 -18.24
C5' DCZ A 1 6.57 1.15 -18.28
O5' DCZ A 1 7.04 1.06 -16.93
H5 DCZ A 1 5.52 -3.56 -14.09
H6 DCZ A 1 5.48 -1.66 -15.66
HN41 DCZ A 1 3.46 -6.54 -14.84
HN42 DCZ A 1 4.61 -5.82 -13.70
H1' DCZ A 1 3.66 -1.84 -18.92
H2'1 DCZ A 1 2.98 -0.47 -16.40
H2'2 DCZ A 1 2.31 -0.27 -18.04
H3' DCZ A 1 4.49 1.21 -16.65
H4' DCZ A 1 4.94 0.52 -19.54
H5'1 DCZ A 1 7.31 0.73 -18.95
H5'2 DCZ A 1 6.43 2.20 -18.54
HO51 DCZ A 1 7.94 1.44 -16.87
N1 DCZ B 1 -9.24 10.41 13.36
C2 DCZ B 1 -8.24 11.31 12.97
N3 DCZ B 1 -6.97 11.16 13.38
C4 DCZ B 1 -6.67 10.10 14.10
C5 DCZ B 1 -7.61 9.10 14.47
C6 DCZ B 1 -8.90 9.28 14.07
O2 DCZ B 1 -8.48 12.28 12.25
N4 DCZ B 1 -5.43 10.06 14.53
C1' DCZ B 1 -10.66 10.76 13.07
C2' DCZ B 1 -11.16 10.26 11.72
C3' DCZ B 1 -12.64 10.56 11.89
C4' DCZ B 1 -12.87 10.15 13.34
O4' DCZ B 1 -11.60 10.19 13.99
O3' DCZ B 1 -12.89 11.96 11.71
C5' DCZ B 1 -13.47 8.73 13.42
O5' DCZ B 1 -13.59 8.26 14.76
H5 DCZ B 1 -7.34 8.24 15.04
H6 DCZ B 1 -9.67 8.57 14.35
HN41 DCZ B 1 -4.82 10.82 14.28
HN42 DCZ B 1 -5.14 9.29 15.11
H1' DCZ B 1 -10.77 11.84 13.09
H2'1 DCZ B 1 -10.99 9.19 11.61
H2'2 DCZ B 1 -10.70 10.82 10.90
H3' DCZ B 1 -13.25 9.97 11.19
H4' DCZ B 1 -13.56 10.84 13.81
H5'1 DCZ B 1 -14.46 8.74 12.95
H5'2 DCZ B 1 -12.84 8.04 12.85
HO51 DCZ B 1 -12.71 8.28 15.18
O81 9U2 C . -2.20 -6.82 3.56
C81 9U2 C . -2.14 -6.14 2.55
C82 9U2 C . -3.06 -6.29 1.36
C84 9U2 C . -4.11 -7.20 1.26
C85 9U2 C . -4.56 -8.31 2.22
S81 9U2 C . -5.03 -6.97 -0.22
C83 9U2 C . -3.91 -5.71 -0.65
N81 9U2 C . -2.96 -5.47 0.24
CM8 9U2 C . -5.25 -7.78 3.51
CM9 9U2 C . -3.51 -9.41 2.50
H85 9U2 C . -5.35 -8.84 1.69
H83 9U2 C . -4.02 -5.19 -1.58
H882 9U2 C . -5.57 -8.62 4.14
H883 9U2 C . -6.14 -7.20 3.26
H881 9U2 C . -4.58 -7.15 4.10
H992 9U2 C . -4.00 -10.32 2.82
H993 9U2 C . -2.80 -9.13 3.29
H991 9U2 C . -2.93 -9.64 1.60
N PYB D . -1.22 -5.09 2.43
CA PYB D . -0.23 -4.74 3.35
CB1 PYB D . 0.63 -3.60 3.26
CB PYB D . 0.13 -5.47 4.45
CG1 PYB D . 1.54 -3.68 4.30
NG2 PYB D . 1.20 -4.81 5.06
CD PYB D . 1.81 -5.28 6.31
C PYB D . 2.75 -2.87 4.61
O PYB D . 3.59 -3.25 5.41
H PYB D . -1.31 -4.55 1.58
HB1 PYB D . 0.61 -2.87 2.46
HB PYB D . -0.26 -6.39 4.86
HD1 PYB D . 2.85 -5.61 6.13
HD2 PYB D . 1.80 -4.48 7.05
HD3 PYB D . 1.23 -6.13 6.70
N PYB E . 2.88 -1.64 3.96
CA PYB E . 4.01 -0.81 4.06
CB1 PYB E . 4.04 0.59 3.82
CB PYB E . 5.27 -1.20 4.42
CG1 PYB E . 5.31 1.05 4.09
NG2 PYB E . 6.09 -0.06 4.44
CD PYB E . 7.51 -0.12 4.77
C PYB E . 5.90 2.42 4.04
O PYB E . 7.08 2.67 4.20
H PYB E . 2.05 -1.30 3.51
HB1 PYB E . 3.19 1.19 3.50
HB PYB E . 5.66 -2.18 4.66
HD1 PYB E . 7.66 0.29 5.78
HD2 PYB E . 8.10 0.44 4.06
HD3 PYB E . 7.86 -1.16 4.76
N PYB F . 4.97 3.44 3.84
CA PYB F . 5.24 4.80 3.74
CB1 PYB F . 4.23 5.79 3.84
CB PYB F . 6.45 5.45 3.55
CG1 PYB F . 4.82 7.01 3.64
NG2 PYB F . 6.20 6.81 3.51
CD PYB F . 7.23 7.85 3.38
C PYB F . 4.17 8.34 3.49
O PYB F . 4.72 9.39 3.24
H PYB F . 4.01 3.15 3.86
HB1 PYB F . 3.19 5.59 4.01
HB PYB F . 7.45 5.03 3.43
HD1 PYB F . 7.17 8.53 4.23
HD2 PYB F . 7.07 8.41 2.46
HD3 PYB F . 8.22 7.38 3.35
N ABU G . 2.80 8.26 3.66
CD ABU G . 1.86 9.35 3.38
CB ABU G . 1.03 9.05 2.12
CG ABU G . 1.67 9.54 0.80
C ABU G . 3.09 9.04 0.45
O ABU G . 3.96 9.86 0.18
H ABU G . 2.45 7.39 4.01
HA1 ABU G . 1.17 9.42 4.24
HA2 ABU G . 2.37 10.31 3.28
HB1 ABU G . 0.06 9.55 2.22
HB2 ABU G . 0.81 7.98 2.07
HG1 ABU G . 1.68 10.63 0.79
HG2 ABU G . 0.98 9.24 0.01
N IMT H . 3.31 7.69 0.47
CA IMT H . 4.48 6.98 0.35
NB1 IMT H . 4.60 5.62 0.49
CB IMT H . 5.71 7.54 0.12
CG1 IMT H . 5.91 5.35 0.37
NG2 IMT H . 6.63 6.52 0.12
CD IMT H . 8.07 6.72 -0.09
C IMT H . 6.64 4.03 0.48
O IMT H . 7.86 3.93 0.40
H IMT H . 2.47 7.13 0.61
HB IMT H . 5.99 8.58 -0.01
HD1 IMT H . 8.28 7.77 -0.32
HD2 IMT H . 8.62 6.43 0.80
HD3 IMT H . 8.40 6.10 -0.95
N PYB I . 5.86 2.89 0.68
CA PYB I . 6.30 1.57 0.89
CB1 PYB I . 5.45 0.44 0.94
CB PYB I . 7.58 1.17 1.11
CG1 PYB I . 6.24 -0.66 1.19
NG2 PYB I . 7.56 -0.22 1.27
CD PYB I . 8.79 -1.03 1.42
C PYB I . 5.89 -2.09 1.44
O PYB I . 6.68 -2.91 1.88
H PYB I . 4.86 3.06 0.63
HB1 PYB I . 4.38 0.45 0.84
HB PYB I . 8.50 1.73 1.16
HD1 PYB I . 9.68 -0.39 1.33
HD2 PYB I . 8.80 -1.50 2.41
HD3 PYB I . 8.81 -1.80 0.64
N PYB J . 4.58 -2.46 1.16
CA PYB J . 3.97 -3.68 1.43
CB1 PYB J . 2.84 -4.20 0.76
CB PYB J . 4.37 -4.59 2.38
CG1 PYB J . 2.58 -5.44 1.28
NG2 PYB J . 3.50 -5.67 2.31
CD PYB J . 3.58 -6.83 3.21
C PYB J . 1.54 -6.45 0.90
O PYB J . 1.37 -7.49 1.51
H PYB J . 4.07 -1.77 0.61
HB1 PYB J . 2.31 -3.70 -0.03
HB PYB J . 5.19 -4.55 3.09
HD1 PYB J . 3.89 -7.71 2.65
HD2 PYB J . 4.31 -6.64 4.00
HD3 PYB J . 2.60 -7.01 3.67
N PYB K . 0.79 -6.14 -0.22
CA PYB K . -0.24 -6.91 -0.78
CB1 PYB K . -0.89 -6.62 -2.00
CB PYB K . -0.80 -8.05 -0.26
CG1 PYB K . -1.88 -7.54 -2.19
NG2 PYB K . -1.76 -8.48 -1.16
CD PYB K . -2.48 -9.76 -1.04
C PYB K . -3.00 -7.55 -3.18
O PYB K . -3.88 -8.41 -3.21
H PYB K . 1.05 -5.29 -0.70
HB1 PYB K . -0.65 -5.79 -2.65
HB PYB K . -0.59 -8.60 0.64
HD1 PYB K . -3.50 -9.59 -0.69
HD2 PYB K . -2.50 -10.26 -2.02
HD3 PYB K . -1.95 -10.41 -0.33
C01 9T8 L . -11.63 -3.58 -5.97
N02 9T8 L . -6.28 -4.50 -6.72
C03 9T8 L . -9.50 -4.28 -7.07
C05 9T8 L . -7.12 -4.89 -7.88
C06 9T8 L . -6.32 -5.14 -5.51
C07 9T8 L . -5.05 -5.09 -4.66
C04 9T8 L . -8.38 -4.01 -8.09
N01 9T8 L . -10.66 -3.27 -7.10
C02 9T8 L . -11.43 -3.36 -8.42
N03 9T8 L . -3.03 -6.46 -4.02
C08 9T8 L . -4.08 -6.22 -5.03
O01 9T8 L . -7.30 -5.79 -5.17
H006 9T8 L . -12.11 -4.55 -6.15
H004 9T8 L . -12.39 -2.81 -5.91
H005 9T8 L . -11.09 -3.63 -5.01
HN02 9T8 L . -5.41 -4.00 -6.92
H031 9T8 L . -9.91 -5.28 -7.23
H032 9T8 L . -9.06 -4.26 -6.07
H052 9T8 L . -6.50 -4.83 -8.78
H051 9T8 L . -7.43 -5.95 -7.78
H072 9T8 L . -5.35 -5.19 -3.61
H071 9T8 L . -4.57 -4.11 -4.77
H042 9T8 L . -8.11 -2.95 -8.08
H041 9T8 L . -8.76 -4.21 -9.10
HN01 9T8 L . -10.29 -2.27 -6.99
H001 9T8 L . -12.23 -2.62 -8.41
H002 9T8 L . -11.85 -4.36 -8.53
H003 9T8 L . -10.75 -3.15 -9.25
H1 9T8 L . -2.21 -5.86 -4.00
H081 9T8 L . -3.60 -5.98 -5.99
H082 9T8 L . -4.66 -7.15 -5.18
N1 DCZ A 1 4.60 -2.17 -17.08
C2 DCZ A 1 4.22 -3.48 -17.42
N3 DCZ A 1 4.22 -4.47 -16.50
C4 DCZ A 1 4.57 -4.17 -15.27
C5 DCZ A 1 4.99 -2.87 -14.85
C6 DCZ A 1 5.00 -1.90 -15.80
O2 DCZ A 1 3.83 -3.77 -18.56
N4 DCZ A 1 4.47 -5.16 -14.42
C1' DCZ A 1 4.40 -1.08 -18.09
C2' DCZ A 1 3.33 -0.07 -17.67
C3' DCZ A 1 4.03 1.28 -17.75
C4' DCZ A 1 5.18 0.97 -18.70
O4' DCZ A 1 5.59 -0.33 -18.31
O3' DCZ A 1 3.17 2.31 -18.25
C5' DCZ A 1 6.34 1.97 -18.63
O5' DCZ A 1 6.97 2.03 -17.36
H5 DCZ A 1 5.29 -2.65 -13.85
H6 DCZ A 1 5.30 -0.88 -15.55
HN41 DCZ A 1 4.09 -6.03 -14.76
HN42 DCZ A 1 4.68 -5.01 -13.45
H1' DCZ A 1 4.10 -1.52 -19.05
H2'1 DCZ A 1 2.98 -0.26 -16.66
H2'2 DCZ A 1 2.49 -0.12 -18.38
H3' DCZ A 1 4.43 1.54 -16.77
H4' DCZ A 1 4.79 0.94 -19.73
H5'1 DCZ A 1 7.08 1.70 -19.40
H5'2 DCZ A 1 5.95 2.96 -18.89
HO51 DCZ A 1 7.32 1.13 -17.14
N1 DCZ B 1 -8.43 10.00 14.29
C2 DCZ B 1 -7.63 11.13 14.04
N3 DCZ B 1 -6.31 11.11 14.32
C4 DCZ B 1 -5.77 9.99 14.76
C5 DCZ B 1 -6.51 8.80 14.97
C6 DCZ B 1 -7.84 8.82 14.71
O2 DCZ B 1 -8.10 12.17 13.58
N4 DCZ B 1 -4.50 10.06 15.07
C1' DCZ B 1 -9.90 10.11 14.13
C2' DCZ B 1 -10.37 9.72 12.73
C3' DCZ B 1 -11.86 9.50 12.99
C4' DCZ B 1 -11.83 8.83 14.38
O4' DCZ B 1 -10.62 9.26 15.02
O3' DCZ B 1 -12.53 10.76 13.05
C5' DCZ B 1 -11.91 7.29 14.32
O5' DCZ B 1 -10.85 6.67 13.57
H5 DCZ B 1 -6.05 7.88 15.32
H6 DCZ B 1 -8.46 7.94 14.85
HN41 DCZ B 1 -4.03 10.95 14.90
HN42 DCZ B 1 -4.03 9.25 15.40
H1' DCZ B 1 -10.22 11.15 14.31
H2'1 DCZ B 1 -9.90 8.78 12.43
H2'2 DCZ B 1 -10.19 10.51 12.01
H3' DCZ B 1 -12.31 8.84 12.24
H4' DCZ B 1 -12.69 9.19 14.95
H5'1 DCZ B 1 -11.89 6.91 15.33
H5'2 DCZ B 1 -12.86 7.02 13.87
HO51 DCZ B 1 -10.97 5.70 13.58
O81 9U2 C . -2.33 -6.74 3.76
C81 9U2 C . -2.25 -6.04 2.75
C82 9U2 C . -3.15 -6.18 1.54
C84 9U2 C . -4.19 -7.10 1.41
C85 9U2 C . -4.70 -8.15 2.38
S81 9U2 C . -5.04 -6.89 -0.11
C83 9U2 C . -3.91 -5.62 -0.49
N81 9U2 C . -3.00 -5.36 0.43
CM8 9U2 C . -5.37 -7.55 3.66
CM9 9U2 C . -3.73 -9.31 2.69
H85 9U2 C . -5.54 -8.65 1.88
H83 9U2 C . -3.99 -5.10 -1.45
H882 9U2 C . -4.70 -6.90 4.22
H883 9U2 C . -5.70 -8.36 4.32
H881 9U2 C . -6.26 -6.97 3.38
H992 9U2 C . -4.15 -9.98 3.45
H993 9U2 C . -2.75 -8.98 3.05
H991 9U2 C . -3.57 -9.91 1.79
N PYB D . -1.34 -4.98 2.67
CA PYB D . -0.33 -4.68 3.57
CB1 PYB D . 0.52 -3.54 3.51
CB PYB D . 0.06 -5.46 4.64
CG1 PYB D . 1.44 -3.66 4.53
NG2 PYB D . 1.13 -4.82 5.24
CD PYB D . 1.77 -5.34 6.46
C PYB D . 2.67 -2.86 4.83
O PYB D . 3.51 -3.28 5.61
H PYB D . -1.43 -4.42 1.83
HB1 PYB D . 0.48 -2.76 2.75
HB PYB D . -0.32 -6.39 5.00
HD1 PYB D . 2.79 -5.67 6.23
HD2 PYB D . 1.80 -4.57 7.24
HD3 PYB D . 1.20 -6.20 6.84
N PYB E . 2.79 -1.63 4.21
CA PYB E . 3.90 -0.79 4.31
CB1 PYB E . 3.92 0.61 4.09
CB PYB E . 5.16 -1.17 4.69
CG1 PYB E . 5.18 1.08 4.39
NG2 PYB E . 5.96 -0.03 4.72
CD PYB E . 7.38 -0.07 5.07
C PYB E . 5.74 2.46 4.38
O PYB E . 6.92 2.72 4.55
H PYB E . 1.93 -1.29 3.78
HB1 PYB E . 3.06 1.20 3.77
HB PYB E . 5.56 -2.14 4.94
HD1 PYB E . 7.53 0.33 6.07
HD2 PYB E . 7.97 0.51 4.35
HD3 PYB E . 7.75 -1.11 5.03
N PYB F . 4.80 3.46 4.22
CA PYB F . 5.03 4.84 4.18
CB1 PYB F . 4.01 5.80 4.28
CB PYB F . 6.24 5.49 4.03
CG1 PYB F . 4.58 7.04 4.14
NG2 PYB F . 5.96 6.86 4.01
CD PYB F . 6.99 7.90 3.87
C PYB F . 3.91 8.35 4.00
O PYB F . 4.46 9.41 3.75
H PYB F . 3.83 3.15 4.22
HB1 PYB F . 2.96 5.58 4.41
HB PYB F . 7.24 5.11 3.93
HD1 PYB F . 6.76 8.54 3.02
HD2 PYB F . 7.97 7.44 3.71
HD3 PYB F . 7.03 8.51 4.78
N ABU G . 2.55 8.27 4.18
CD ABU G . 1.58 9.32 3.87
CB ABU G . 0.75 8.94 2.63
CG ABU G . 1.33 9.42 1.28
C ABU G . 2.77 9.03 0.95
O ABU G . 3.60 9.88 0.70
H ABU G . 2.22 7.39 4.56
HA1 ABU G . 0.90 9.40 4.72
HA2 ABU G . 2.07 10.29 3.73
HB1 ABU G . -0.24 9.39 2.73
HB2 ABU G . 0.57 7.85 2.61
HG1 ABU G . 1.26 10.52 1.23
HG2 ABU G . 0.66 9.04 0.51
N IMT H . 3.06 7.68 0.96
CA IMT H . 4.27 7.03 0.85
NB1 IMT H . 4.45 5.68 0.96
CB IMT H . 5.47 7.67 0.65
CG1 IMT H . 5.76 5.47 0.85
NG2 IMT H . 6.44 6.68 0.64
CD IMT H . 7.87 6.93 0.42
C IMT H . 6.54 4.19 0.96
O IMT H . 7.76 4.13 0.98
H IMT H . 2.26 7.08 1.08
HB IMT H . 5.70 8.72 0.53
HD1 IMT H . 8.04 7.99 0.25
HD2 IMT H . 8.44 6.62 1.32
HD3 IMT H . 8.22 6.35 -0.44
N PYB I . 5.77 3.03 1.06
CA PYB I . 6.21 1.73 1.24
CB1 PYB I . 5.38 0.57 1.20
CB PYB I . 7.50 1.33 1.53
CG1 PYB I . 6.17 -0.52 1.46
NG2 PYB I . 7.49 -0.06 1.62
CD PYB I . 8.72 -0.85 1.75
C PYB I . 5.82 -1.95 1.68
O PYB I . 6.62 -2.77 2.11
H PYB I . 4.76 3.19 0.93
HB1 PYB I . 4.31 0.58 1.04
HB PYB I . 8.40 1.90 1.66
HD1 PYB I . 9.60 -0.21 1.67
HD2 PYB I . 8.73 -1.38 2.72
HD3 PYB I . 8.77 -1.60 0.94
N PYB J . 4.52 -2.30 1.37
CA PYB J . 3.91 -3.52 1.66
CB1 PYB J . 2.75 -4.03 1.02
CB PYB J . 4.34 -4.44 2.59
CG1 PYB J . 2.51 -5.29 1.55
NG2 PYB J . 3.46 -5.51 2.55
CD PYB J . 3.59 -6.68 3.44
C PYB J . 1.46 -6.30 1.21
O PYB J . 1.28 -7.33 1.86
H PYB J . 4.01 -1.61 0.83
HB1 PYB J . 2.19 -3.54 0.25
HB PYB J . 5.17 -4.40 3.27
HD1 PYB J . 3.81 -7.57 2.85
HD2 PYB J . 4.38 -6.51 4.17
HD3 PYB J . 2.64 -6.84 3.98
N PYB K . 0.73 -6.03 0.07
CA PYB K . -0.29 -6.82 -0.49
CB1 PYB K . -0.88 -6.58 -1.74
CB PYB K . -0.86 -7.94 0.06
CG1 PYB K . -1.85 -7.53 -1.94
NG2 PYB K . -1.77 -8.43 -0.87
CD PYB K . -2.49 -9.70 -0.71
C PYB K . -2.91 -7.62 -2.99
O PYB K . -3.79 -8.47 -3.02
H PYB K . 1.02 -5.20 -0.44
HB1 PYB K . -0.63 -5.77 -2.42
HB PYB K . -0.66 -8.45 0.99
HD1 PYB K . -3.55 -9.51 -0.52
HD2 PYB K . -2.37 -10.29 -1.63
HD3 PYB K . -2.05 -10.27 0.12
C01 9T8 L . -11.31 -4.06 -7.15
N02 9T8 L . -5.86 -4.92 -6.96
C03 9T8 L . -8.99 -4.74 -7.73
C05 9T8 L . -6.54 -5.44 -8.16
C06 9T8 L . -6.05 -5.44 -5.70
C07 9T8 L . -4.87 -5.33 -4.74
C04 9T8 L . -7.74 -4.58 -8.62
N01 9T8 L . -10.08 -3.70 -7.98
C02 9T8 L . -10.49 -3.63 -9.46
N03 9T8 L . -2.87 -6.60 -3.92
C08 9T8 L . -3.84 -6.44 -5.01
O01 9T8 L . -7.08 -6.03 -5.41
H006 9T8 L . -11.71 -5.03 -7.48
H004 9T8 L . -12.08 -3.29 -7.27
H005 9T8 L . -11.04 -4.13 -6.09
HN02 9T8 L . -4.98 -4.43 -7.09
H031 9T8 L . -9.42 -5.73 -7.90
H032 9T8 L . -8.70 -4.67 -6.68
H052 9T8 L . -5.80 -5.46 -8.96
H051 9T8 L . -6.86 -6.47 -7.99
H072 9T8 L . -5.26 -5.43 -3.72
H071 9T8 L . -4.42 -4.34 -4.82
H042 9T8 L . -7.46 -3.52 -8.68
H041 9T8 L . -7.99 -4.88 -9.65
HN01 9T8 L . -9.76 -2.73 -7.66
H001 9T8 L . -11.30 -2.90 -9.57
H002 9T8 L . -10.84 -4.61 -9.79
H003 9T8 L . -9.64 -3.31 -10.05
H1 9T8 L . -2.04 -6.01 -3.89
H081 9T8 L . -3.30 -6.21 -5.93
H082 9T8 L . -4.36 -7.39 -5.16
N1 DCZ A 1 4.34 -2.55 -18.27
C2 DCZ A 1 3.48 -3.66 -18.24
N3 DCZ A 1 3.61 -4.61 -17.29
C4 DCZ A 1 4.55 -4.47 -16.38
C5 DCZ A 1 5.44 -3.35 -16.34
C6 DCZ A 1 5.31 -2.41 -17.31
O2 DCZ A 1 2.57 -3.81 -19.05
N4 DCZ A 1 4.61 -5.42 -15.49
C1' DCZ A 1 4.08 -1.49 -19.29
C2' DCZ A 1 3.28 -0.34 -18.67
C3' DCZ A 1 4.23 0.85 -18.68
C4' DCZ A 1 5.20 0.47 -19.81
O4' DCZ A 1 5.30 -0.94 -19.77
O3' DCZ A 1 3.54 2.07 -18.96
C5' DCZ A 1 6.58 1.11 -19.68
O5' DCZ A 1 7.25 0.76 -18.47
H5 DCZ A 1 6.20 -3.25 -15.58
H6 DCZ A 1 5.95 -1.54 -17.33
HN41 DCZ A 1 3.93 -6.17 -15.56
HN42 DCZ A 1 5.29 -5.38 -14.75
H1' DCZ A 1 3.51 -1.90 -20.12
H2'1 DCZ A 1 2.96 -0.56 -17.66
H2'2 DCZ A 1 2.41 -0.14 -19.31
H3' DCZ A 1 4.77 0.90 -17.72
H4' DCZ A 1 4.75 0.77 -20.76
H5'1 DCZ A 1 7.18 0.80 -20.53
H5'2 DCZ A 1 6.47 2.19 -19.73
HO51 DCZ A 1 8.17 1.12 -18.47
N1 DCZ B 1 -8.57 11.00 13.74
C2 DCZ B 1 -7.58 11.86 13.22
N3 DCZ B 1 -6.28 11.67 13.51
C4 DCZ B 1 -5.95 10.63 14.26
C5 DCZ B 1 -6.88 9.69 14.75
C6 DCZ B 1 -8.19 9.89 14.46
O2 DCZ B 1 -7.86 12.82 12.50
N4 DCZ B 1 -4.69 10.57 14.59
C1' DCZ B 1 -10.00 11.34 13.53
C2' DCZ B 1 -10.57 10.69 12.28
C3' DCZ B 1 -12.05 10.62 12.62
C4' DCZ B 1 -12.02 10.33 14.13
O4' DCZ B 1 -10.81 10.90 14.63
O3' DCZ B 1 -12.68 11.88 12.36
C5' DCZ B 1 -12.12 8.83 14.48
O5' DCZ B 1 -11.13 7.99 13.90
H5 DCZ B 1 -6.59 8.83 15.33
H6 DCZ B 1 -8.96 9.21 14.82
HN41 DCZ B 1 -4.08 11.32 14.28
HN42 DCZ B 1 -4.37 9.81 15.17
H1' DCZ B 1 -10.12 12.43 13.43
H2'1 DCZ B 1 -10.16 9.69 12.15
H2'2 DCZ B 1 -10.38 11.30 11.41
H3' DCZ B 1 -12.55 9.82 12.07
H4' DCZ B 1 -12.87 10.84 14.59
H5'1 DCZ B 1 -12.06 8.74 15.57
H5'2 DCZ B 1 -13.11 8.47 14.19
HO51 DCZ B 1 -11.39 7.74 12.99
O81 9U2 C . -1.88 -7.09 3.72
C81 9U2 C . -1.87 -6.37 2.73
C82 9U2 C . -2.76 -6.55 1.54
C84 9U2 C . -3.75 -7.53 1.40
C85 9U2 C . -4.22 -8.59 2.38
S81 9U2 C . -4.62 -7.34 -0.11
C83 9U2 C . -3.60 -5.99 -0.48
N81 9U2 C . -2.69 -5.70 0.43
CM8 9U2 C . -4.89 -8.02 3.65
CM9 9U2 C . -3.20 -9.72 2.70
H85 9U2 C . -5.03 -9.13 1.87
H83 9U2 C . -3.73 -5.46 -1.41
H882 9U2 C . -5.18 -8.83 4.33
H883 9U2 C . -5.81 -7.49 3.39
H881 9U2 C . -4.25 -7.33 4.21
H992 9U2 C . -3.67 -10.48 3.34
H993 9U2 C . -2.30 -9.37 3.21
H991 9U2 C . -2.89 -10.24 1.78
N PYB D . -1.01 -5.27 2.66
CA PYB D . -0.02 -4.91 3.58
CB1 PYB D . 0.77 -3.73 3.54
CB PYB D . 0.37 -5.66 4.65
CG1 PYB D . 1.67 -3.81 4.59
NG2 PYB D . 1.39 -4.99 5.30
CD PYB D . 1.98 -5.47 6.55
C PYB D . 2.85 -2.97 4.95
O PYB D . 3.68 -3.35 5.77
H PYB D . -1.15 -4.69 1.83
HB1 PYB D . 0.73 -2.97 2.78
HB PYB D . 0.02 -6.62 5.02
HD1 PYB D . 1.95 -4.68 7.32
HD2 PYB D . 1.42 -6.33 6.92
HD3 PYB D . 3.02 -5.77 6.38
N PYB E . 2.96 -1.73 4.35
CA PYB E . 4.06 -0.86 4.50
CB1 PYB E . 4.05 0.55 4.29
CB PYB E . 5.32 -1.23 4.91
CG1 PYB E . 5.30 1.02 4.63
NG2 PYB E . 6.10 -0.08 4.97
CD PYB E . 7.51 -0.11 5.36
C PYB E . 5.84 2.41 4.65
O PYB E . 7.02 2.68 4.88
H PYB E . 2.13 -1.40 3.87
HB1 PYB E . 3.20 1.12 3.97
HB PYB E . 5.72 -2.20 5.14
HD1 PYB E . 8.10 0.48 4.66
HD2 PYB E . 7.88 -1.14 5.33
HD3 PYB E . 7.62 0.29 6.37
N PYB F . 4.90 3.41 4.43
CA PYB F . 5.14 4.77 4.37
CB1 PYB F . 4.11 5.74 4.42
CB PYB F . 6.34 5.43 4.24
CG1 PYB F . 4.69 6.98 4.27
NG2 PYB F . 6.07 6.80 4.18
CD PYB F . 7.10 7.83 4.03
C PYB F . 4.02 8.29 4.10
O PYB F . 4.57 9.35 3.84
H PYB F . 3.95 3.08 4.41
HB1 PYB F . 3.06 5.52 4.52
HB PYB F . 7.35 5.04 4.17
HD1 PYB F . 7.05 8.52 4.89
HD2 PYB F . 6.93 8.40 3.11
HD3 PYB F . 8.09 7.38 4.00
N ABU G . 2.66 8.21 4.25
CD ABU G . 1.70 9.25 3.92
CB ABU G . 0.90 8.87 2.67
CG ABU G . 1.51 9.33 1.32
C ABU G . 2.96 8.92 1.02
O ABU G . 3.79 9.76 0.76
H ABU G . 2.32 7.33 4.64
HA1 ABU G . 1.00 9.35 4.76
HA2 ABU G . 2.20 10.23 3.78
HB1 ABU G . -0.09 9.35 2.74
HB2 ABU G . 0.70 7.79 2.66
HG1 ABU G . 1.45 10.42 1.25
HG2 ABU G . 0.85 8.95 0.53
N IMT H . 3.24 7.57 1.07
CA IMT H . 4.44 6.93 0.97
NB1 IMT H . 4.62 5.57 1.12
CB IMT H . 5.65 7.54 0.76
CG1 IMT H . 5.94 5.37 1.03
NG2 IMT H . 6.61 6.57 0.79
CD IMT H . 8.04 6.81 0.55
C IMT H . 6.72 4.09 1.20
O IMT H . 7.95 4.05 1.26
H IMT H . 2.42 6.98 1.19
HB IMT H . 5.87 8.60 0.61
HD1 IMT H . 8.19 7.84 0.20
HD2 IMT H . 8.60 6.67 1.49
HD3 IMT H . 8.42 6.12 -0.21
N PYB I . 5.97 2.92 1.30
CA PYB I . 6.44 1.62 1.51
CB1 PYB I . 5.64 0.45 1.44
CB PYB I . 7.72 1.25 1.81
CG1 PYB I . 6.44 -0.63 1.72
NG2 PYB I . 7.75 -0.13 1.90
CD PYB I . 9.01 -0.88 2.06
C PYB I . 6.11 -2.07 1.90
O PYB I . 6.92 -2.89 2.34
H PYB I . 4.97 3.05 1.14
HB1 PYB I . 4.57 0.44 1.27
HB PYB I . 8.61 1.85 1.96
HD1 PYB I . 9.33 -1.25 1.08
HD2 PYB I . 9.79 -0.20 2.46
HD3 PYB I . 8.90 -1.71 2.76
N PYB J . 4.82 -2.45 1.56
CA PYB J . 4.24 -3.69 1.81
CB1 PYB J . 3.13 -4.23 1.12
CB PYB J . 4.65 -4.60 2.76
CG1 PYB J . 2.89 -5.49 1.63
NG2 PYB J . 3.81 -5.70 2.67
CD PYB J . 3.94 -6.88 3.54
C PYB J . 1.90 -6.53 1.24
O PYB J . 1.75 -7.58 1.84
H PYB J . 4.32 -1.76 1.00
HB1 PYB J . 2.60 -3.76 0.30
HB PYB J . 5.45 -4.53 3.49
HD1 PYB J . 2.99 -7.05 4.07
HD2 PYB J . 4.19 -7.76 2.95
HD3 PYB J . 4.73 -6.71 4.29
N PYB K . 1.16 -6.25 0.10
CA PYB K . 0.17 -7.05 -0.48
CB1 PYB K . -0.46 -6.77 -1.71
CB PYB K . -0.35 -8.22 0.02
CG1 PYB K . -1.39 -7.74 -1.94
NG2 PYB K . -1.29 -8.68 -0.90
CD PYB K . -2.01 -9.95 -0.75
C PYB K . -2.46 -7.81 -2.98
O PYB K . -3.31 -8.68 -3.06
H PYB K . 1.42 -5.39 -0.37
HB1 PYB K . -0.24 -5.92 -2.34
HB PYB K . -0.13 -8.76 0.92
HD1 PYB K . -2.00 -10.50 -1.69
HD2 PYB K . -1.51 -10.57 0.00
HD3 PYB K . -3.05 -9.76 -0.45
C01 9T8 L . -10.91 -4.31 -6.61
N02 9T8 L . -5.51 -5.00 -6.77
C03 9T8 L . -8.63 -4.94 -7.40
C05 9T8 L . -6.19 -5.56 -7.96
C06 9T8 L . -5.67 -5.53 -5.51
C07 9T8 L . -4.45 -5.42 -4.59
C04 9T8 L . -7.46 -4.77 -8.39
N01 9T8 L . -9.80 -3.99 -7.61
C02 9T8 L . -10.36 -4.09 -9.04
N03 9T8 L . -2.45 -6.74 -3.84
C08 9T8 L . -3.44 -6.53 -4.92
O01 9T8 L . -6.69 -6.12 -5.19
H006 9T8 L . -10.52 -4.23 -5.60
H004 9T8 L . -11.28 -5.31 -6.79
H005 9T8 L . -11.72 -3.59 -6.74
HN02 9T8 L . -4.63 -4.51 -6.93
H031 9T8 L . -9.01 -5.97 -7.45
H032 9T8 L . -8.26 -4.77 -6.38
H052 9T8 L . -5.48 -5.54 -8.80
H051 9T8 L . -6.45 -6.61 -7.78
H072 9T8 L . -4.81 -5.52 -3.56
H071 9T8 L . -4.01 -4.43 -4.69
H042 9T8 L . -7.23 -3.71 -8.50
H041 9T8 L . -7.77 -5.14 -9.37
HN01 9T8 L . -9.50 -2.98 -7.44
H001 9T8 L . -10.70 -5.11 -9.22
H002 9T8 L . -9.59 -3.82 -9.76
H003 9T8 L . -11.20 -3.39 -9.15
H1 9T8 L . -1.65 -6.12 -3.79
H081 9T8 L . -2.91 -6.27 -5.85
H082 9T8 L . -3.98 -7.47 -5.10
N1 DCZ A 1 3.89 -3.11 -17.69
C2 DCZ A 1 2.79 -3.96 -17.51
N3 DCZ A 1 2.71 -4.77 -16.43
C4 DCZ A 1 3.68 -4.74 -15.55
C5 DCZ A 1 4.86 -3.94 -15.69
C6 DCZ A 1 4.92 -3.13 -16.78
O2 DCZ A 1 1.86 -4.00 -18.32
N4 DCZ A 1 3.50 -5.48 -14.50
C1' DCZ A 1 3.82 -2.10 -18.77
C2' DCZ A 1 3.19 -0.81 -18.23
C3' DCZ A 1 4.30 0.23 -18.25
C4' DCZ A 1 5.24 -0.34 -19.31
O4' DCZ A 1 5.10 -1.76 -19.27
O3' DCZ A 1 3.79 1.51 -18.58
C5' DCZ A 1 6.71 0.06 -19.09
O5' DCZ A 1 7.21 -0.35 -17.82
H5 DCZ A 1 5.65 -3.94 -14.97
H6 DCZ A 1 5.77 -2.48 -16.93
HN41 DCZ A 1 2.59 -5.87 -14.38
HN42 DCZ A 1 4.17 -5.46 -13.75
H1' DCZ A 1 3.20 -2.48 -19.60
H2'1 DCZ A 1 2.82 -0.94 -17.23
H2'2 DCZ A 1 2.37 -0.52 -18.90
H3' DCZ A 1 4.79 0.24 -17.27
H4' DCZ A 1 4.91 0.01 -20.29
H5'1 DCZ A 1 7.32 -0.37 -19.89
H5'2 DCZ A 1 6.78 1.15 -19.18
HO51 DCZ A 1 7.86 0.30 -17.49
N1 DCZ B 1 -9.01 10.20 14.36
C2 DCZ B 1 -8.07 11.13 13.89
N3 DCZ B 1 -6.76 10.99 14.16
C4 DCZ B 1 -6.37 9.94 14.87
C5 DCZ B 1 -7.26 8.95 15.34
C6 DCZ B 1 -8.58 9.11 15.06
O2 DCZ B 1 -8.40 12.10 13.20
N4 DCZ B 1 -5.11 9.89 15.16
C1' DCZ B 1 -10.46 10.44 14.08
C2' DCZ B 1 -10.86 9.89 12.71
C3' DCZ B 1 -12.38 9.81 12.86
C4' DCZ B 1 -12.54 9.42 14.34
O4' DCZ B 1 -11.31 9.76 15.00
O3' DCZ B 1 -12.99 11.06 12.60
C5' DCZ B 1 -12.89 7.95 14.54
O5' DCZ B 1 -11.94 7.04 13.98
H5 DCZ B 1 -6.93 8.09 15.91
H6 DCZ B 1 -9.31 8.38 15.41
HN41 DCZ B 1 -4.51 10.65 14.84
HN42 DCZ B 1 -4.75 9.12 15.68
H1' DCZ B 1 -10.68 11.51 14.10
H2'1 DCZ B 1 -10.45 8.90 12.56
H2'2 DCZ B 1 -10.58 10.57 11.90
H3' DCZ B 1 -12.77 9.02 12.22
H4' DCZ B 1 -13.35 10.03 14.77
H5'1 DCZ B 1 -12.98 7.75 15.63
H5'2 DCZ B 1 -13.87 7.76 14.10
HO51 DCZ B 1 -11.08 7.13 14.44
O81 9U2 C . -1.98 -6.64 3.73
C81 9U2 C . -1.94 -5.97 2.71
C82 9U2 C . -2.88 -6.12 1.55
C84 9U2 C . -3.91 -7.05 1.44
C85 9U2 C . -4.36 -8.13 2.43
S81 9U2 C . -4.85 -6.82 -0.03
C83 9U2 C . -3.74 -5.54 -0.46
N81 9U2 C . -2.79 -5.30 0.42
CM8 9U2 C . -5.02 -7.56 3.71
CM9 9U2 C . -3.34 -9.26 2.72
H85 9U2 C . -5.18 -8.66 1.93
H83 9U2 C . -3.88 -5.01 -1.39
H882 9U2 C . -5.36 -8.38 4.36
H883 9U2 C . -5.90 -6.96 3.46
H881 9U2 C . -4.35 -6.93 4.29
H992 9U2 C . -3.82 -10.04 3.31
H993 9U2 C . -2.47 -8.93 3.28
H991 9U2 C . -2.99 -9.71 1.79
N PYB D . -1.02 -4.94 2.57
CA PYB D . 0.04 -4.64 3.43
CB1 PYB D . 0.89 -3.49 3.33
CB PYB D . 0.48 -5.41 4.47
CG1 PYB D . 1.85 -3.62 4.30
NG2 PYB D . 1.58 -4.78 5.03
CD PYB D . 2.26 -5.30 6.22
C PYB D . 3.08 -2.82 4.57
O PYB D . 3.97 -3.24 5.30
H PYB D . -1.15 -4.36 1.74
HB1 PYB D . 0.82 -2.73 2.57
HB PYB D . 0.11 -6.36 4.85
HD1 PYB D . 1.67 -6.11 6.67
HD2 PYB D . 3.25 -5.69 5.94
HD3 PYB D . 2.38 -4.50 6.96
N PYB E . 3.17 -1.57 3.96
CA PYB E . 4.27 -0.71 4.04
CB1 PYB E . 4.25 0.70 3.84
CB PYB E . 5.55 -1.09 4.37
CG1 PYB E . 5.52 1.16 4.08
NG2 PYB E . 6.33 0.07 4.38
CD PYB E . 7.77 0.05 4.71
C PYB E . 6.07 2.56 4.06
O PYB E . 7.26 2.81 4.19
H PYB E . 2.30 -1.24 3.56
HB1 PYB E . 3.38 1.27 3.57
HB PYB E . 5.96 -2.06 4.59
HD1 PYB E . 7.93 0.54 5.67
HD2 PYB E . 8.34 0.55 3.93
HD3 PYB E . 8.12 -0.99 4.77
N PYB F . 5.13 3.56 3.93
CA PYB F . 5.37 4.93 3.89
CB1 PYB F . 4.36 5.90 4.05
CB PYB F . 6.58 5.58 3.72
CG1 PYB F . 4.95 7.14 3.92
NG2 PYB F . 6.32 6.94 3.76
CD PYB F . 7.36 7.97 3.64
C PYB F . 4.31 8.48 3.87
O PYB F . 4.88 9.54 3.67
H PYB F . 4.17 3.25 3.96
HB1 PYB F . 3.31 5.70 4.21
HB PYB F . 7.57 5.17 3.58
HD1 PYB F . 7.36 8.61 4.54
HD2 PYB F . 7.18 8.59 2.76
HD3 PYB F . 8.35 7.51 3.55
N ABU G . 2.94 8.42 4.04
CD ABU G . 2.02 9.51 3.78
CB ABU G . 1.09 9.17 2.60
CG ABU G . 1.64 9.53 1.19
C ABU G . 3.08 9.14 0.86
O ABU G . 3.92 9.99 0.64
H ABU G . 2.59 7.53 4.37
HA1 ABU G . 1.39 9.66 4.67
HA2 ABU G . 2.55 10.47 3.59
HB1 ABU G . 0.16 9.73 2.72
HB2 ABU G . 0.82 8.11 2.64
HG1 ABU G . 1.54 10.61 1.03
HG2 ABU G . 0.97 9.05 0.47
N IMT H . 3.34 7.79 0.82
CA IMT H . 4.54 7.13 0.64
NB1 IMT H . 4.69 5.77 0.72
CB IMT H . 5.74 7.75 0.39
CG1 IMT H . 6.00 5.56 0.55
NG2 IMT H . 6.68 6.76 0.33
CD IMT H . 8.10 6.99 0.05
C IMT H . 6.77 4.25 0.62
O IMT H . 7.99 4.18 0.57
H IMT H . 2.53 7.20 0.94
HB IMT H . 5.98 8.80 0.28
HD1 IMT H . 8.43 6.40 -0.82
HD2 IMT H . 8.28 8.06 -0.16
HD3 IMT H . 8.71 6.70 0.93
N PYB I . 5.99 3.10 0.74
CA PYB I . 6.43 1.79 0.89
CB1 PYB I . 5.60 0.64 0.86
CB PYB I . 7.73 1.38 1.11
CG1 PYB I . 6.39 -0.47 1.07
NG2 PYB I . 7.71 -0.01 1.19
CD PYB I . 8.94 -0.81 1.30
C PYB I . 6.04 -1.90 1.28
O PYB I . 6.86 -2.73 1.67
H PYB I . 4.99 3.27 0.66
HB1 PYB I . 4.52 0.65 0.75
HB PYB I . 8.63 1.95 1.21
HD1 PYB I . 9.00 -1.52 0.46
HD2 PYB I . 9.82 -0.15 1.26
HD3 PYB I . 8.95 -1.35 2.25
N PYB J . 4.73 -2.27 1.00
CA PYB J . 4.15 -3.50 1.27
CB1 PYB J . 2.98 -4.02 0.66
CB PYB J . 4.61 -4.44 2.17
CG1 PYB J . 2.75 -5.28 1.17
NG2 PYB J . 3.75 -5.52 2.12
CD PYB J . 3.93 -6.71 2.97
C PYB J . 1.70 -6.29 0.85
O PYB J . 1.56 -7.34 1.48
H PYB J . 4.22 -1.57 0.46
HB1 PYB J . 2.39 -3.52 -0.09
HB PYB J . 5.46 -4.41 2.83
HD1 PYB J . 4.09 -7.59 2.33
HD2 PYB J . 4.79 -6.58 3.63
HD3 PYB J . 3.04 -6.87 3.59
N PYB K . 0.90 -6.01 -0.24
CA PYB K . -0.15 -6.78 -0.75
CB1 PYB K . -0.82 -6.49 -1.95
CB PYB K . -0.70 -7.91 -0.21
CG1 PYB K . -1.82 -7.42 -2.11
NG2 PYB K . -1.70 -8.34 -1.08
CD PYB K . -2.48 -9.57 -0.86
C PYB K . -2.93 -7.44 -3.11
O PYB K . -3.83 -8.27 -3.14
H PYB K . 1.17 -5.17 -0.74
HB1 PYB K . -0.60 -5.67 -2.61
HB PYB K . -0.45 -8.45 0.70
HD1 PYB K . -3.43 -9.32 -0.38
HD2 PYB K . -2.70 -10.05 -1.82
HD3 PYB K . -1.92 -10.27 -0.24
C01 9T8 L . -11.49 -3.96 -5.96
N02 9T8 L . -6.13 -4.45 -6.63
C03 9T8 L . -9.31 -4.46 -7.06
C05 9T8 L . -6.88 -4.81 -7.85
C06 9T8 L . -6.22 -5.15 -5.45
C07 9T8 L . -4.99 -5.11 -4.55
C04 9T8 L . -8.19 -4.02 -8.03
N01 9T8 L . -10.55 -3.57 -7.10
C02 9T8 L . -11.30 -3.73 -8.43
N03 9T8 L . -2.92 -6.38 -3.99
C08 9T8 L . -3.95 -6.14 -4.99
O01 9T8 L . -7.19 -5.84 -5.19
H006 9T8 L . -10.97 -3.87 -5.00
H004 9T8 L . -11.81 -5.00 -6.09
H005 9T8 L . -12.36 -3.30 -5.96
HN02 9T8 L . -5.26 -3.92 -6.76
H031 9T8 L . -9.61 -5.48 -7.28
H032 9T8 L . -8.92 -4.44 -6.04
H052 9T8 L . -6.23 -4.61 -8.71
H051 9T8 L . -7.09 -5.89 -7.84
H072 9T8 L . -5.32 -5.31 -3.53
H071 9T8 L . -4.57 -4.10 -4.55
H042 9T8 L . -8.01 -2.95 -7.92
H041 9T8 L . -8.55 -4.16 -9.06
HN01 9T8 L . -10.27 -2.55 -7.00
H001 9T8 L . -11.58 -4.78 -8.56
H002 9T8 L . -10.66 -3.40 -9.25
H003 9T8 L . -12.20 -3.12 -8.40
H1 9T8 L . -2.08 -5.81 -3.97
H081 9T8 L . -3.47 -5.79 -5.91
H082 9T8 L . -4.46 -7.08 -5.22
N1 DCZ A 1 4.20 -2.56 -17.70
C2 DCZ A 1 3.32 -3.61 -17.51
N3 DCZ A 1 3.22 -4.26 -16.33
C4 DCZ A 1 4.01 -3.88 -15.35
C5 DCZ A 1 5.01 -2.87 -15.49
C6 DCZ A 1 5.07 -2.22 -16.68
O2 DCZ A 1 2.57 -3.99 -18.42
N4 DCZ A 1 3.81 -4.46 -14.21
C1' DCZ A 1 4.02 -1.68 -18.88
C2' DCZ A 1 3.19 -0.45 -18.49
C3' DCZ A 1 4.20 0.70 -18.53
C4' DCZ A 1 5.09 0.20 -19.67
O4' DCZ A 1 5.24 -1.19 -19.40
O3' DCZ A 1 3.57 1.94 -18.82
C5' DCZ A 1 6.45 0.91 -19.76
O5' DCZ A 1 7.24 0.79 -18.58
H5 DCZ A 1 5.67 -2.59 -14.69
H6 DCZ A 1 5.79 -1.42 -16.84
HN41 DCZ A 1 2.95 -5.00 -14.13
HN42 DCZ A 1 4.33 -4.18 -13.40
H1' DCZ A 1 3.48 -2.23 -19.67
H2'1 DCZ A 1 2.76 -0.54 -17.50
H2'2 DCZ A 1 2.40 -0.29 -19.23
H3' DCZ A 1 4.77 0.73 -17.60
H4' DCZ A 1 4.56 0.33 -20.62
H5'1 DCZ A 1 7.00 0.48 -20.61
H5'2 DCZ A 1 6.28 1.97 -19.98
HO51 DCZ A 1 8.12 1.20 -18.73
N1 DCZ B 1 -9.06 10.71 14.41
C2 DCZ B 1 -8.11 11.50 13.74
N3 DCZ B 1 -6.80 11.44 14.08
C4 DCZ B 1 -6.44 10.60 15.03
C5 DCZ B 1 -7.34 9.74 15.71
C6 DCZ B 1 -8.66 9.82 15.36
O2 DCZ B 1 -8.41 12.26 12.83
N4 DCZ B 1 -5.19 10.64 15.38
C1' DCZ B 1 -10.52 10.90 14.11
C2' DCZ B 1 -11.05 9.82 13.16
C3' DCZ B 1 -12.54 9.80 13.53
C4' DCZ B 1 -12.48 10.06 15.05
O4' DCZ B 1 -11.29 10.81 15.30
O3' DCZ B 1 -13.25 10.87 12.90
C5' DCZ B 1 -12.54 8.78 15.92
O5' DCZ B 1 -11.53 7.81 15.65
H5 DCZ B 1 -7.03 9.05 16.48
H6 DCZ B 1 -9.39 9.19 15.86
HN41 DCZ B 1 -4.59 11.33 14.93
HN42 DCZ B 1 -4.85 10.04 16.11
H1' DCZ B 1 -10.69 11.87 13.64
H2'1 DCZ B 1 -10.60 8.85 13.37
H2'2 DCZ B 1 -10.89 10.09 12.12
H3' DCZ B 1 -13.00 8.84 13.32
H4' DCZ B 1 -13.34 10.68 15.33
H5'1 DCZ B 1 -12.45 9.10 16.96
H5'2 DCZ B 1 -13.52 8.33 15.80
HO51 DCZ B 1 -11.79 7.28 14.86
O81 9U2 C . -1.94 -6.88 3.59
C81 9U2 C . -1.92 -6.13 2.62
C82 9U2 C . -2.82 -6.25 1.43
C84 9U2 C . -3.82 -7.20 1.25
C85 9U2 C . -4.27 -8.32 2.18
S81 9U2 C . -4.72 -6.93 -0.24
C83 9U2 C . -3.65 -5.58 -0.56
N81 9U2 C . -2.73 -5.36 0.36
CM8 9U2 C . -4.96 -7.82 3.48
CM9 9U2 C . -3.25 -9.46 2.44
H85 9U2 C . -5.08 -8.84 1.65
H83 9U2 C . -3.78 -5.01 -1.47
H882 9U2 C . -5.25 -8.66 4.11
H883 9U2 C . -5.87 -7.26 3.23
H881 9U2 C . -4.32 -7.15 4.06
H992 9U2 C . -3.62 -10.15 3.20
H993 9U2 C . -2.27 -9.09 2.76
H991 9U2 C . -3.10 -10.05 1.53
N PYB D . -1.04 -5.05 2.59
CA PYB D . -0.02 -4.75 3.51
CB1 PYB D . 0.80 -3.60 3.48
CB PYB D . 0.35 -5.54 4.56
CG1 PYB D . 1.72 -3.73 4.51
NG2 PYB D . 1.41 -4.90 5.20
CD PYB D . 2.02 -5.44 6.42
C PYB D . 2.92 -2.92 4.87
O PYB D . 3.76 -3.35 5.65
H PYB D . -1.16 -4.44 1.78
HB1 PYB D . 0.77 -2.81 2.74
HB PYB D . -0.02 -6.50 4.90
HD1 PYB D . 1.43 -6.29 6.79
HD2 PYB D . 3.04 -5.78 6.21
HD3 PYB D . 2.04 -4.67 7.21
N PYB E . 3.06 -1.68 4.27
CA PYB E . 4.17 -0.84 4.41
CB1 PYB E . 4.19 0.57 4.20
CB PYB E . 5.43 -1.23 4.78
CG1 PYB E . 5.45 1.02 4.50
NG2 PYB E . 6.23 -0.10 4.82
CD PYB E . 7.65 -0.14 5.17
C PYB E . 6.02 2.40 4.51
O PYB E . 7.21 2.65 4.68
H PYB E . 2.21 -1.33 3.84
HB1 PYB E . 3.34 1.17 3.89
HB PYB E . 5.82 -2.21 5.02
HD1 PYB E . 8.24 0.41 4.43
HD2 PYB E . 8.00 -1.18 5.20
HD3 PYB E . 7.81 0.30 6.16
N PYB F . 5.08 3.41 4.36
CA PYB F . 5.32 4.78 4.34
CB1 PYB F . 4.31 5.74 4.48
CB PYB F . 6.52 5.43 4.18
CG1 PYB F . 4.87 6.99 4.35
NG2 PYB F . 6.25 6.80 4.20
CD PYB F . 7.28 7.84 4.10
C PYB F . 4.21 8.30 4.25
O PYB F . 4.75 9.38 4.06
H PYB F . 4.11 3.10 4.38
HB1 PYB F . 3.25 5.53 4.64
HB PYB F . 7.52 5.04 4.05
HD1 PYB F . 7.06 8.51 3.25
HD2 PYB F . 8.27 7.39 3.94
HD3 PYB F . 7.31 8.43 5.01
N ABU G . 2.84 8.21 4.40
CD ABU G . 1.88 9.28 4.14
CB ABU G . 1.13 9.08 2.82
CG ABU G . 1.82 9.68 1.57
C ABU G . 3.22 9.18 1.20
O ABU G . 4.09 9.99 0.94
H ABU G . 2.50 7.31 4.71
HA1 ABU G . 1.15 9.28 4.96
HA2 ABU G . 2.38 10.27 4.15
HB1 ABU G . 0.16 9.56 2.91
HB2 ABU G . 0.92 8.01 2.67
HG1 ABU G . 1.88 10.77 1.70
HG2 ABU G . 1.15 9.53 0.72
N IMT H . 3.42 7.82 1.16
CA IMT H . 4.61 7.12 1.01
NB1 IMT H . 4.74 5.75 1.11
CB IMT H . 5.82 7.71 0.78
CG1 IMT H . 6.06 5.52 0.97
NG2 IMT H . 6.75 6.70 0.74
CD IMT H . 8.18 6.92 0.46
C IMT H . 6.81 4.22 1.06
O IMT H . 8.04 4.15 1.05
H IMT H . 2.59 7.25 1.29
HB IMT H . 6.09 8.75 0.65
HD1 IMT H . 8.49 6.30 -0.38
HD2 IMT H . 8.37 7.97 0.21
HD3 IMT H . 8.77 6.66 1.35
N PYB I . 6.04 3.06 1.17
CA PYB I . 6.50 1.75 1.34
CB1 PYB I . 5.67 0.59 1.29
CB PYB I . 7.78 1.36 1.59
CG1 PYB I . 6.47 -0.49 1.52
NG2 PYB I . 7.79 -0.03 1.66
CD PYB I . 9.03 -0.82 1.75
C PYB I . 6.12 -1.93 1.73
O PYB I . 6.93 -2.74 2.16
H PYB I . 5.04 3.21 1.06
HB1 PYB I . 4.59 0.60 1.16
HB PYB I . 8.69 1.94 1.71
HD1 PYB I . 9.88 -0.21 1.43
HD2 PYB I . 9.19 -1.14 2.78
HD3 PYB I . 8.97 -1.70 1.10
N PYB J . 4.82 -2.29 1.41
CA PYB J . 4.24 -3.53 1.65
CB1 PYB J . 3.10 -4.04 0.98
CB PYB J . 4.65 -4.46 2.56
CG1 PYB J . 2.87 -5.31 1.46
NG2 PYB J . 3.79 -5.55 2.49
CD PYB J . 3.92 -6.73 3.34
C PYB J . 1.85 -6.32 1.06
O PYB J . 1.70 -7.39 1.65
H PYB J . 4.32 -1.60 0.87
HB1 PYB J . 2.56 -3.53 0.19
HB PYB J . 5.47 -4.43 3.28
HD1 PYB J . 2.95 -6.93 3.83
HD2 PYB J . 4.21 -7.60 2.74
HD3 PYB J . 4.67 -6.55 4.12
N PYB K . 1.10 -6.00 -0.06
CA PYB K . 0.09 -6.77 -0.64
CB1 PYB K . -0.54 -6.46 -1.87
CB PYB K . -0.46 -7.93 -0.16
CG1 PYB K . -1.52 -7.41 -2.10
NG2 PYB K . -1.41 -8.35 -1.08
CD PYB K . -2.16 -9.62 -0.94
C PYB K . -2.60 -7.43 -3.12
O PYB K . -3.47 -8.28 -3.19
H PYB K . 1.37 -5.14 -0.52
HB1 PYB K . -0.31 -5.61 -2.49
HB PYB K . -0.24 -8.50 0.73
HD1 PYB K . -2.20 -10.15 -1.88
HD2 PYB K . -1.67 -10.26 -0.20
HD3 PYB K . -3.19 -9.40 -0.62
C01 9T8 L . -11.25 -3.96 -6.10
N02 9T8 L . -5.88 -4.61 -6.64
C03 9T8 L . -9.06 -4.59 -7.12
C05 9T8 L . -6.63 -5.07 -7.84
C06 9T8 L . -5.97 -5.22 -5.42
C07 9T8 L . -4.73 -5.12 -4.53
C04 9T8 L . -7.93 -4.28 -8.12
N01 9T8 L . -10.25 -3.65 -7.20
C02 9T8 L . -10.96 -3.76 -8.56
N03 9T8 L . -2.61 -6.33 -3.96
C08 9T8 L . -3.64 -6.11 -4.99
O01 9T8 L . -6.95 -5.88 -5.11
H006 9T8 L . -12.08 -3.25 -6.14
H004 9T8 L . -10.76 -3.87 -5.12
H005 9T8 L . -11.63 -4.98 -6.22
HN02 9T8 L . -5.02 -4.08 -6.80
H031 9T8 L . -9.41 -5.61 -7.25
H032 9T8 L . -8.65 -4.51 -6.10
H052 9T8 L . -5.96 -4.96 -8.70
H051 9T8 L . -6.84 -6.14 -7.74
H072 9T8 L . -5.05 -5.35 -3.51
H071 9T8 L . -4.36 -4.09 -4.54
H042 9T8 L . -7.72 -3.21 -8.14
H041 9T8 L . -8.28 -4.55 -9.13
HN01 9T8 L . -9.92 -2.64 -7.08
H001 9T8 L . -11.81 -3.08 -8.57
H002 9T8 L . -11.31 -4.79 -8.69
H003 9T8 L . -10.27 -3.50 -9.36
H1 9T8 L . -1.80 -5.72 -3.91
H081 9T8 L . -3.16 -5.72 -5.90
H082 9T8 L . -4.11 -7.06 -5.25
N1 DCZ A 1 4.85 -2.44 -16.70
C2 DCZ A 1 4.31 -3.72 -16.57
N3 DCZ A 1 4.65 -4.53 -15.55
C4 DCZ A 1 5.51 -4.07 -14.65
C5 DCZ A 1 6.11 -2.78 -14.72
C6 DCZ A 1 5.76 -1.99 -15.77
O2 DCZ A 1 3.51 -4.16 -17.40
N4 DCZ A 1 5.80 -4.90 -13.68
C1' DCZ A 1 4.41 -1.57 -17.82
C2' DCZ A 1 3.54 -0.39 -17.34
C3' DCZ A 1 4.34 0.86 -17.69
C4' DCZ A 1 5.27 0.34 -18.80
O4' DCZ A 1 5.53 -1.02 -18.49
O3' DCZ A 1 3.53 1.92 -18.18
C5' DCZ A 1 6.59 1.13 -18.91
O5' DCZ A 1 7.37 1.10 -17.71
H5 DCZ A 1 6.83 -2.44 -13.99
H6 DCZ A 1 6.19 -0.99 -15.88
HN41 DCZ A 1 5.35 -5.79 -13.69
HN42 DCZ A 1 6.46 -4.62 -12.98
H1' DCZ A 1 3.82 -2.15 -18.54
H2'1 DCZ A 1 3.37 -0.43 -16.27
H2'2 DCZ A 1 2.60 -0.41 -17.88
H3' DCZ A 1 4.93 1.18 -16.83
H4' DCZ A 1 4.74 0.39 -19.75
H5'1 DCZ A 1 7.17 0.71 -19.74
H5'2 DCZ A 1 6.35 2.17 -19.16
HO51 DCZ A 1 8.24 1.53 -17.87
N1 DCZ B 1 -8.52 10.48 13.84
C2 DCZ B 1 -7.56 11.34 13.29
N3 DCZ B 1 -6.24 11.21 13.57
C4 DCZ B 1 -5.88 10.20 14.34
C5 DCZ B 1 -6.78 9.22 14.86
C6 DCZ B 1 -8.10 9.40 14.58
O2 DCZ B 1 -7.87 12.27 12.54
N4 DCZ B 1 -4.62 10.16 14.65
C1' DCZ B 1 -9.96 10.79 13.66
C2' DCZ B 1 -10.55 10.07 12.46
C3' DCZ B 1 -12.03 10.03 12.83
C4' DCZ B 1 -11.96 9.82 14.35
O4' DCZ B 1 -10.73 10.38 14.79
O3' DCZ B 1 -12.64 11.29 12.52
C5' DCZ B 1 -12.09 8.35 14.79
O5' DCZ B 1 -11.10 7.47 14.25
H5 DCZ B 1 -6.46 8.39 15.45
H6 DCZ B 1 -8.84 8.69 14.96
HN41 DCZ B 1 -4.03 10.93 14.32
HN42 DCZ B 1 -4.26 9.43 15.23
H1' DCZ B 1 -10.09 11.86 13.51
H2'1 DCZ B 1 -10.16 9.06 12.38
H2'2 DCZ B 1 -10.38 10.61 11.54
H3' DCZ B 1 -12.55 9.21 12.34
H4' DCZ B 1 -12.79 10.37 14.82
H5'1 DCZ B 1 -12.02 8.32 15.88
H5'2 DCZ B 1 -13.08 7.98 14.52
HO51 DCZ B 1 -11.35 7.20 13.35
O81 9U2 C . -1.73 -7.04 3.48
C81 9U2 C . -1.71 -6.29 2.51
C82 9U2 C . -2.57 -6.43 1.30
C84 9U2 C . -3.51 -7.44 1.08
C85 9U2 C . -3.92 -8.61 1.97
S81 9U2 C . -4.40 -7.19 -0.41
C83 9U2 C . -3.41 -5.79 -0.70
N81 9U2 C . -2.52 -5.52 0.24
CM8 9U2 C . -4.70 -8.18 3.24
CM9 9U2 C . -2.81 -9.65 2.28
H85 9U2 C . -4.65 -9.19 1.39
H83 9U2 C . -3.55 -5.22 -1.60
H882 9U2 C . -5.63 -7.68 2.96
H883 9U2 C . -4.13 -7.50 3.88
H881 9U2 C . -4.96 -9.06 3.84
H992 9U2 C . -2.10 -9.33 3.03
H993 9U2 C . -2.25 -9.92 1.38
H991 9U2 C . -3.26 -10.58 2.66
N PYB D . -0.84 -5.19 2.49
CA PYB D . 0.16 -4.89 3.42
CB1 PYB D . 0.96 -3.73 3.42
CB PYB D . 0.56 -5.70 4.45
CG1 PYB D . 1.88 -3.86 4.44
NG2 PYB D . 1.59 -5.06 5.10
CD PYB D . 2.23 -5.61 6.31
C PYB D . 3.06 -3.03 4.80
O PYB D . 3.90 -3.44 5.59
H PYB D . -0.99 -4.56 1.70
HB1 PYB D . 0.90 -2.92 2.69
HB PYB D . 0.21 -6.68 4.76
HD1 PYB D . 3.25 -5.93 6.08
HD2 PYB D . 2.26 -4.85 7.10
HD3 PYB D . 1.67 -6.47 6.67
N PYB E . 3.17 -1.79 4.19
CA PYB E . 4.27 -0.93 4.31
CB1 PYB E . 4.26 0.47 4.09
CB PYB E . 5.53 -1.30 4.70
CG1 PYB E . 5.52 0.95 4.37
NG2 PYB E . 6.31 -0.15 4.71
CD PYB E . 7.74 -0.17 5.06
C PYB E . 6.05 2.34 4.35
O PYB E . 7.23 2.61 4.54
H PYB E . 2.32 -1.47 3.74
HB1 PYB E . 3.40 1.04 3.77
HB PYB E . 5.93 -2.27 4.95
HD1 PYB E . 7.89 0.31 6.04
HD2 PYB E . 8.32 0.36 4.29
HD3 PYB E . 8.11 -1.20 5.11
N PYB F . 5.11 3.32 4.16
CA PYB F . 5.32 4.69 4.09
CB1 PYB F . 4.29 5.65 4.17
CB PYB F . 6.52 5.35 3.93
CG1 PYB F . 4.85 6.89 4.02
NG2 PYB F . 6.24 6.71 3.90
CD PYB F . 7.26 7.76 3.78
C PYB F . 4.18 8.21 3.88
O PYB F . 4.74 9.27 3.66
H PYB F . 4.14 2.99 4.16
HB1 PYB F . 3.24 5.42 4.32
HB PYB F . 7.53 4.97 3.84
HD1 PYB F . 8.25 7.31 3.68
HD2 PYB F . 7.24 8.40 4.67
HD3 PYB F . 7.05 8.38 2.89
N ABU G . 2.82 8.11 4.03
CD ABU G . 1.87 9.19 3.75
CB ABU G . 1.06 8.89 2.47
CG ABU G . 1.69 9.38 1.15
C ABU G . 3.13 8.96 0.83
O ABU G . 3.98 9.80 0.59
H ABU G . 2.47 7.23 4.37
HA1 ABU G . 1.17 9.25 4.59
HA2 ABU G . 2.37 10.16 3.66
HB1 ABU G . 0.09 9.39 2.57
HB2 ABU G . 0.84 7.82 2.42
HG1 ABU G . 1.66 10.49 1.14
HG2 ABU G . 1.03 9.06 0.36
N IMT H . 3.39 7.60 0.82
CA IMT H . 4.58 6.95 0.70
NB1 IMT H . 4.74 5.59 0.83
CB IMT H . 5.78 7.56 0.47
CG1 IMT H . 6.06 5.38 0.71
NG2 IMT H . 6.74 6.56 0.46
CD IMT H . 8.17 6.79 0.20
C IMT H . 6.82 4.08 0.85
O IMT H . 8.05 4.01 0.87
H IMT H . 2.57 7.02 0.94
HB IMT H . 6.03 8.60 0.32
HD1 IMT H . 8.35 7.84 -0.06
HD2 IMT H . 8.75 6.55 1.11
HD3 IMT H . 8.50 6.16 -0.62
N PYB I . 6.05 2.93 0.97
CA PYB I . 6.48 1.61 1.16
CB1 PYB I . 5.66 0.47 1.12
CB PYB I . 7.76 1.22 1.45
CG1 PYB I . 6.44 -0.62 1.39
NG2 PYB I . 7.76 -0.17 1.54
CD PYB I . 8.98 -0.97 1.66
C PYB I . 6.08 -2.06 1.59
O PYB I . 6.88 -2.89 2.01
H PYB I . 5.05 3.09 0.84
HB1 PYB I . 4.58 0.48 0.97
HB PYB I . 8.67 1.80 1.56
HD1 PYB I . 9.02 -1.70 0.85
HD2 PYB I . 9.86 -0.32 1.60
HD3 PYB I . 9.00 -1.49 2.63
N PYB J . 4.78 -2.43 1.26
CA PYB J . 4.20 -3.67 1.50
CB1 PYB J . 3.09 -4.20 0.80
CB PYB J . 4.62 -4.60 2.41
CG1 PYB J . 2.86 -5.47 1.27
NG2 PYB J . 3.79 -5.71 2.29
CD PYB J . 3.95 -6.91 3.12
C PYB J . 1.87 -6.50 0.85
O PYB J . 1.71 -7.56 1.45
H PYB J . 4.28 -1.74 0.72
HB1 PYB J . 2.54 -3.69 0.01
HB PYB J . 5.42 -4.56 3.13
HD1 PYB J . 3.02 -7.12 3.65
HD2 PYB J . 4.20 -7.76 2.47
HD3 PYB J . 4.75 -6.77 3.84
N PYB K . 1.14 -6.21 -0.29
CA PYB K . 0.16 -6.99 -0.91
CB1 PYB K . -0.46 -6.67 -2.13
CB PYB K . -0.38 -8.17 -0.46
CG1 PYB K . -1.42 -7.61 -2.39
NG2 PYB K . -1.31 -8.59 -1.40
CD PYB K . -2.03 -9.87 -1.30
C PYB K . -2.49 -7.63 -3.42
O PYB K . -3.36 -8.48 -3.53
H PYB K . 1.41 -5.33 -0.75
HB1 PYB K . -0.24 -5.80 -2.74
HB PYB K . -0.17 -8.74 0.44
HD1 PYB K . -2.24 -10.27 -2.29
HD2 PYB K . -1.42 -10.60 -0.75
HD3 PYB K . -2.98 -9.72 -0.79
C01 9T8 L . -11.04 -4.18 -6.25
N02 9T8 L . -5.73 -4.80 -7.02
C03 9T8 L . -8.89 -4.77 -7.39
C05 9T8 L . -6.50 -5.25 -8.19
C06 9T8 L . -5.79 -5.41 -5.79
C07 9T8 L . -4.55 -5.27 -4.91
C04 9T8 L . -7.81 -4.46 -8.43
N01 9T8 L . -10.06 -3.79 -7.37
C02 9T8 L . -10.82 -3.78 -8.70
N03 9T8 L . -2.47 -6.55 -4.27
C08 9T8 L . -3.48 -6.30 -5.32
O01 9T8 L . -6.75 -6.10 -5.46
H006 9T8 L . -10.50 -4.23 -5.30
H004 9T8 L . -11.48 -5.15 -6.48
H005 9T8 L . -11.82 -3.42 -6.18
HN02 9T8 L . -4.88 -4.27 -7.20
H031 9T8 L . -9.28 -5.77 -7.55
H032 9T8 L . -8.44 -4.74 -6.39
H052 9T8 L . -5.86 -5.14 -9.08
H051 9T8 L . -6.73 -6.32 -8.10
H072 9T8 L . -4.86 -5.44 -3.87
H071 9T8 L . -4.15 -4.26 -4.98
H042 9T8 L . -7.60 -3.39 -8.45
H041 9T8 L . -8.19 -4.71 -9.43
HN01 9T8 L . -9.72 -2.80 -7.18
H001 9T8 L . -10.15 -3.46 -9.50
H002 9T8 L . -11.66 -3.08 -8.64
H003 9T8 L . -11.20 -4.78 -8.92
H1 9T8 L . -1.66 -5.94 -4.20
H081 9T8 L . -2.97 -5.95 -6.22
H082 9T8 L . -3.97 -7.25 -5.57
N1 DCZ A 1 4.00 -2.85 -17.92
C2 DCZ A 1 2.98 -3.81 -17.99
N3 DCZ A 1 2.86 -4.78 -17.06
C4 DCZ A 1 3.71 -4.78 -16.05
C5 DCZ A 1 4.76 -3.83 -15.90
C6 DCZ A 1 4.87 -2.86 -16.86
O2 DCZ A 1 2.14 -3.80 -18.89
N4 DCZ A 1 3.54 -5.73 -15.19
C1' DCZ A 1 4.00 -1.75 -18.93
C2' DCZ A 1 3.27 -0.52 -18.38
C3' DCZ A 1 4.35 0.54 -18.19
C4' DCZ A 1 5.31 0.11 -19.30
O4' DCZ A 1 5.32 -1.31 -19.25
O3' DCZ A 1 3.83 1.85 -18.37
C5' DCZ A 1 6.74 0.68 -19.16
O5' DCZ A 1 7.41 0.29 -17.96
H5 DCZ A 1 5.45 -3.84 -15.07
H6 DCZ A 1 5.65 -2.11 -16.80
HN41 DCZ A 1 2.76 -6.37 -15.34
HN42 DCZ A 1 4.12 -5.79 -14.37
H1' DCZ A 1 3.49 -2.08 -19.84
H2'1 DCZ A 1 2.79 -0.73 -17.42
H2'2 DCZ A 1 2.52 -0.19 -19.10
H3' DCZ A 1 4.82 0.42 -17.22
H4' DCZ A 1 4.90 0.43 -20.25
H5'1 DCZ A 1 7.33 0.32 -20.02
H5'2 DCZ A 1 6.70 1.76 -19.23
HO51 DCZ A 1 7.07 0.81 -17.21
N1 DCZ B 1 -8.79 10.91 13.80
C2 DCZ B 1 -7.74 11.73 13.34
N3 DCZ B 1 -6.45 11.44 13.63
C4 DCZ B 1 -6.20 10.34 14.31
C5 DCZ B 1 -7.20 9.43 14.74
C6 DCZ B 1 -8.50 9.75 14.45
O2 DCZ B 1 -7.95 12.75 12.67
N4 DCZ B 1 -4.95 10.15 14.60
C1' DCZ B 1 -10.19 11.34 13.56
C2' DCZ B 1 -10.77 10.69 12.29
C3' DCZ B 1 -12.25 10.89 12.55
C4' DCZ B 1 -12.35 10.67 14.06
O4' DCZ B 1 -11.06 10.96 14.61
O3' DCZ B 1 -12.62 12.23 12.20
C5' DCZ B 1 -12.79 9.24 14.45
O5' DCZ B 1 -11.94 8.21 13.94
H5 DCZ B 1 -6.97 8.52 15.28
H6 DCZ B 1 -9.31 9.10 14.76
HN41 DCZ B 1 -4.29 10.83 14.26
HN42 DCZ B 1 -4.67 9.31 15.08
H1' DCZ B 1 -10.24 12.42 13.42
H2'1 DCZ B 1 -10.52 9.63 12.26
H2'2 DCZ B 1 -10.43 11.20 11.39
H3' DCZ B 1 -12.85 10.16 12.01
H4' DCZ B 1 -13.08 11.37 14.47
H5'1 DCZ B 1 -12.83 9.17 15.54
H5'2 DCZ B 1 -13.81 9.10 14.08
HO51 DCZ B 1 -12.29 7.33 14.22
O81 9U2 C . -1.66 -7.02 3.40
C81 9U2 C . -1.66 -6.25 2.46
C82 9U2 C . -2.58 -6.36 1.27
C84 9U2 C . -3.56 -7.32 1.07
C85 9U2 C . -4.01 -8.46 1.98
S81 9U2 C . -4.44 -7.06 -0.42
C83 9U2 C . -3.43 -5.67 -0.71
N81 9U2 C . -2.51 -5.43 0.23
CM8 9U2 C . -4.72 -7.98 3.27
CM9 9U2 C . -2.97 -9.56 2.26
H85 9U2 C . -4.80 -8.99 1.42
H83 9U2 C . -3.56 -5.07 -1.60
H882 9U2 C . -4.08 -7.36 3.91
H883 9U2 C . -5.05 -8.84 3.87
H881 9U2 C . -5.62 -7.40 3.02
H992 9U2 C . -2.27 -9.32 3.06
H993 9U2 C . -2.39 -9.80 1.36
H991 9U2 C . -3.48 -10.49 2.57
N PYB D . -0.81 -5.15 2.43
CA PYB D . 0.21 -4.85 3.34
CB1 PYB D . 0.98 -3.66 3.36
CB PYB D . 0.64 -5.67 4.35
CG1 PYB D . 1.91 -3.79 4.37
NG2 PYB D . 1.66 -5.01 5.02
CD PYB D . 2.29 -5.55 6.22
C PYB D . 3.07 -2.94 4.76
O PYB D . 3.91 -3.32 5.56
H PYB D . -0.98 -4.51 1.66
HB1 PYB D . 0.90 -2.84 2.65
HB PYB D . 0.31 -6.65 4.66
HD1 PYB D . 3.33 -5.84 5.99
HD2 PYB D . 2.30 -4.80 7.02
HD3 PYB D . 1.75 -6.43 6.57
N PYB E . 3.16 -1.67 4.18
CA PYB E . 4.25 -0.80 4.33
CB1 PYB E . 4.24 0.59 4.10
CB PYB E . 5.51 -1.16 4.73
CG1 PYB E . 5.49 1.08 4.42
NG2 PYB E . 6.28 -0.02 4.77
CD PYB E . 7.71 -0.03 5.14
C PYB E . 6.03 2.47 4.41
O PYB E . 7.21 2.74 4.62
H PYB E . 2.32 -1.35 3.72
HB1 PYB E . 3.39 1.17 3.77
HB PYB E . 5.92 -2.13 4.97
HD1 PYB E . 7.84 0.45 6.12
HD2 PYB E . 8.30 0.49 4.39
HD3 PYB E . 8.07 -1.06 5.20
N PYB F . 5.10 3.47 4.20
CA PYB F . 5.33 4.84 4.13
CB1 PYB F . 4.31 5.80 4.21
CB PYB F . 6.53 5.49 4.00
CG1 PYB F . 4.88 7.03 4.05
NG2 PYB F . 6.26 6.85 3.97
CD PYB F . 7.29 7.90 3.89
C PYB F . 4.22 8.35 3.89
O PYB F . 4.78 9.41 3.66
H PYB F . 4.14 3.14 4.20
HB1 PYB F . 3.25 5.58 4.34
HB PYB F . 7.54 5.10 3.93
HD1 PYB F . 7.17 8.61 4.71
HD2 PYB F . 7.20 8.42 2.93
HD3 PYB F . 8.28 7.45 3.95
N ABU G . 2.85 8.27 4.03
CD ABU G . 1.91 9.36 3.75
CB ABU G . 1.10 9.07 2.47
CG ABU G . 1.73 9.61 1.16
C ABU G . 3.15 9.16 0.82
O ABU G . 4.01 9.99 0.56
H ABU G . 2.51 7.39 4.38
HA1 ABU G . 1.21 9.42 4.59
HA2 ABU G . 2.41 10.32 3.67
HB1 ABU G . 0.12 9.57 2.57
HB2 ABU G . 0.88 8.01 2.38
HG1 ABU G . 1.73 10.70 1.19
HG2 ABU G . 1.06 9.33 0.35
N IMT H . 3.40 7.80 0.82
CA IMT H . 4.60 7.13 0.72
NB1 IMT H . 4.77 5.77 0.86
CB IMT H . 5.81 7.74 0.52
CG1 IMT H . 6.09 5.57 0.77
NG2 IMT H . 6.76 6.76 0.54
CD IMT H . 8.21 6.99 0.34
C IMT H . 6.86 4.27 0.91
O IMT H . 8.08 4.22 0.93
H IMT H . 2.58 7.22 0.95
HB IMT H . 6.06 8.79 0.38
HD1 IMT H . 8.76 6.74 1.25
HD2 IMT H . 8.57 6.38 -0.50
HD3 IMT H . 8.38 8.05 0.10
N PYB I . 6.09 3.12 1.03
CA PYB I . 6.56 1.81 1.22
CB1 PYB I . 5.74 0.65 1.18
CB PYB I . 7.84 1.43 1.51
CG1 PYB I . 6.55 -0.43 1.45
NG2 PYB I . 7.85 0.04 1.60
CD PYB I . 9.09 -0.73 1.71
C PYB I . 6.22 -1.88 1.67
O PYB I . 7.04 -2.68 2.10
H PYB I . 5.09 3.25 0.90
HB1 PYB I . 4.67 0.63 1.04
HB PYB I . 8.74 2.02 1.62
HD1 PYB I . 9.08 -1.57 1.01
HD2 PYB I . 9.96 -0.10 1.48
HD3 PYB I . 9.20 -1.12 2.74
N PYB J . 4.94 -2.27 1.33
CA PYB J . 4.38 -3.53 1.57
CB1 PYB J . 3.26 -4.06 0.89
CB PYB J . 4.85 -4.46 2.46
CG1 PYB J . 3.09 -5.36 1.35
NG2 PYB J . 4.04 -5.59 2.33
CD PYB J . 4.26 -6.81 3.12
C PYB J . 2.10 -6.39 0.94
O PYB J . 1.99 -7.47 1.51
H PYB J . 4.42 -1.59 0.78
HB1 PYB J . 2.68 -3.56 0.13
HB PYB J . 5.67 -4.42 3.16
HD1 PYB J . 3.34 -7.05 3.69
HD2 PYB J . 4.50 -7.64 2.46
HD3 PYB J . 5.08 -6.66 3.83
N PYB K . 1.33 -6.07 -0.16
CA PYB K . 0.33 -6.86 -0.75
CB1 PYB K . -0.32 -6.53 -1.96
CB PYB K . -0.18 -8.04 -0.28
CG1 PYB K . -1.26 -7.50 -2.19
NG2 PYB K . -1.11 -8.48 -1.22
CD PYB K . -1.70 -9.82 -1.20
C PYB K . -2.35 -7.55 -3.21
O PYB K . -3.19 -8.44 -3.30
H PYB K . 1.56 -5.19 -0.60
HB1 PYB K . -0.11 -5.67 -2.57
HB PYB K . 0.07 -8.62 0.60
HD1 PYB K . -2.78 -9.76 -1.04
HD2 PYB K . -1.49 -10.29 -2.17
HD3 PYB K . -1.23 -10.44 -0.42
C01 9T8 L . -11.26 -4.49 -6.50
N02 9T8 L . -5.72 -5.04 -6.71
C03 9T8 L . -8.95 -5.13 -7.21
C05 9T8 L . -6.51 -5.75 -7.74
C06 9T8 L . -5.79 -5.36 -5.38
C07 9T8 L . -4.50 -5.18 -4.59
C04 9T8 L . -7.77 -4.99 -8.20
N01 9T8 L . -10.14 -4.21 -7.49
C02 9T8 L . -10.68 -4.39 -8.91
N03 9T8 L . -2.40 -6.44 -4.03
C08 9T8 L . -3.45 -6.21 -5.03
O01 9T8 L . -6.79 -5.87 -4.90
H006 9T8 L . -12.08 -3.78 -6.67
H004 9T8 L . -10.89 -4.38 -5.48
H005 9T8 L . -11.63 -5.51 -6.64
HN02 9T8 L . -4.86 -4.60 -7.02
H031 9T8 L . -9.31 -6.17 -7.23
H032 9T8 L . -8.61 -4.92 -6.20
H052 9T8 L . -5.85 -5.90 -8.61
H051 9T8 L . -6.79 -6.75 -7.38
H072 9T8 L . -4.74 -5.29 -3.54
H071 9T8 L . -4.13 -4.15 -4.74
H042 9T8 L . -7.54 -3.93 -8.35
H041 9T8 L . -8.08 -5.38 -9.17
HN01 9T8 L . -9.84 -3.19 -7.36
H001 9T8 L . -11.53 -3.72 -9.07
H002 9T8 L . -10.99 -5.42 -9.06
H003 9T8 L . -9.90 -4.14 -9.64
H1 9T8 L . -1.62 -5.81 -3.97
H081 9T8 L . -2.99 -5.88 -5.96
H082 9T8 L . -3.96 -7.16 -5.24
#